data_3PXP
#
_entry.id   3PXP
#
_cell.length_a   228.807
_cell.length_b   83.568
_cell.length_c   54.520
_cell.angle_alpha   90.00
_cell.angle_beta   103.12
_cell.angle_gamma   90.00
#
_symmetry.space_group_name_H-M   'C 1 2 1'
#
loop_
_entity.id
_entity.type
_entity.pdbx_description
1 polymer 'Helix-turn-helix domain protein'
2 non-polymer 'MYRISTIC ACID'
3 non-polymer 'CHLORIDE ION'
4 non-polymer 1,2-ETHANEDIOL
5 water water
#
_entity_poly.entity_id   1
_entity_poly.type   'polypeptide(L)'
_entity_poly.pdbx_seq_one_letter_code
;G(MSE)ERAAFGKLVQALRREHRDEKGRVWTQEVLAERTQLPKRTIERIENGSLAHLDADILLRLADALELTIGERREFF
FAATGIIEQKSATYKRSPEESLQYLID(MSE)IRN(MSE)NVPAFVTDQYVNIIAAN(MSE)ITIRFFNIP(MSE)ELIE
TAPLLPHGYNL(MSE)RVVFGTEYDFRRVVGT(MSE)WDEVARHN(MSE)QLFRAISLRVRADGYFVELLDNL(MSE)QY
REFKRFWERAHLETEDTSAENFWYQYTHPVYGLLSYVSSRSQIPTS(MSE)GLLS(MSE)HTYIPLSPATTDLFAKLSTV
ANQDVIRLAPWPRSNG
;
_entity_poly.pdbx_strand_id   A,B,C
#
# COMPACT_ATOMS: atom_id res chain seq x y z
N GLY A 1 -4.01 25.13 -14.41
CA GLY A 1 -4.09 25.54 -15.82
C GLY A 1 -3.75 27.00 -16.06
N GLU A 3 -4.63 30.59 -18.96
CA GLU A 3 -5.42 31.17 -20.03
C GLU A 3 -4.61 31.00 -21.34
N ARG A 4 -5.29 30.91 -22.49
CA ARG A 4 -4.65 30.67 -23.78
C ARG A 4 -3.56 31.68 -24.11
N ALA A 5 -3.75 32.98 -23.79
CA ALA A 5 -2.76 34.02 -24.09
C ALA A 5 -1.50 33.84 -23.25
N ALA A 6 -1.64 33.48 -21.97
CA ALA A 6 -0.52 33.22 -21.04
C ALA A 6 0.22 31.97 -21.48
N PHE A 7 -0.51 30.91 -21.92
CA PHE A 7 0.11 29.68 -22.43
C PHE A 7 0.89 29.98 -23.71
N GLY A 8 0.34 30.85 -24.55
CA GLY A 8 0.98 31.27 -25.78
C GLY A 8 2.31 31.98 -25.54
N LYS A 9 2.34 32.83 -24.50
CA LYS A 9 3.54 33.56 -24.08
C LYS A 9 4.58 32.60 -23.49
N LEU A 10 4.11 31.50 -22.89
CA LEU A 10 5.00 30.46 -22.34
C LEU A 10 5.71 29.73 -23.48
N VAL A 11 4.95 29.32 -24.52
CA VAL A 11 5.49 28.62 -25.71
C VAL A 11 6.55 29.52 -26.39
N GLN A 12 6.25 30.81 -26.54
CA GLN A 12 7.17 31.77 -27.13
C GLN A 12 8.49 31.83 -26.33
N ALA A 13 8.40 31.95 -24.98
CA ALA A 13 9.57 32.03 -24.11
C ALA A 13 10.39 30.76 -24.19
N LEU A 14 9.71 29.57 -24.19
CA LEU A 14 10.39 28.27 -24.30
C LEU A 14 11.13 28.14 -25.61
N ARG A 15 10.49 28.57 -26.71
CA ARG A 15 11.07 28.53 -28.05
C ARG A 15 12.35 29.40 -28.09
N ARG A 16 12.29 30.60 -27.52
CA ARG A 16 13.38 31.56 -27.52
C ARG A 16 14.59 31.16 -26.62
N GLU A 17 14.42 30.12 -25.78
CA GLU A 17 15.52 29.57 -24.95
C GLU A 17 16.42 28.68 -25.82
N HIS A 18 15.97 28.34 -27.03
CA HIS A 18 16.69 27.45 -27.92
C HIS A 18 17.50 28.14 -28.96
N ARG A 19 18.57 27.46 -29.38
CA ARG A 19 19.46 27.85 -30.46
C ARG A 19 19.59 26.62 -31.34
N ASP A 20 19.34 26.77 -32.65
CA ASP A 20 19.41 25.70 -33.63
C ASP A 20 20.87 25.31 -33.93
N GLU A 21 21.07 24.42 -34.95
CA GLU A 21 22.34 23.93 -35.44
C GLU A 21 23.28 25.07 -35.90
N LYS A 22 22.72 26.19 -36.42
CA LYS A 22 23.52 27.35 -36.88
C LYS A 22 23.70 28.39 -35.74
N GLY A 23 23.28 28.03 -34.52
CA GLY A 23 23.35 28.89 -33.35
C GLY A 23 22.31 29.99 -33.29
N ARG A 24 21.30 29.95 -34.16
CA ARG A 24 20.28 31.01 -34.22
C ARG A 24 19.14 30.71 -33.28
N VAL A 25 18.57 31.75 -32.66
CA VAL A 25 17.39 31.62 -31.78
C VAL A 25 16.27 31.02 -32.61
N TRP A 26 15.53 30.04 -32.05
CA TRP A 26 14.44 29.38 -32.79
C TRP A 26 13.36 30.36 -33.12
N THR A 27 12.97 30.37 -34.39
CA THR A 27 11.86 31.19 -34.89
C THR A 27 10.62 30.32 -34.85
N GLN A 28 9.46 30.93 -35.17
CA GLN A 28 8.19 30.20 -35.26
C GLN A 28 8.30 29.13 -36.36
N GLU A 29 8.99 29.46 -37.48
CA GLU A 29 9.27 28.56 -38.62
C GLU A 29 10.04 27.32 -38.17
N VAL A 30 11.09 27.51 -37.34
CA VAL A 30 11.91 26.41 -36.82
C VAL A 30 11.07 25.53 -35.88
N LEU A 31 10.28 26.14 -34.96
CA LEU A 31 9.41 25.35 -34.07
C LEU A 31 8.38 24.57 -34.89
N ALA A 32 7.80 25.21 -35.93
CA ALA A 32 6.84 24.57 -36.85
C ALA A 32 7.47 23.33 -37.50
N GLU A 33 8.69 23.50 -38.03
CA GLU A 33 9.48 22.46 -38.69
C GLU A 33 9.74 21.29 -37.74
N ARG A 34 10.22 21.57 -36.50
CA ARG A 34 10.54 20.54 -35.49
C ARG A 34 9.32 19.79 -35.00
N THR A 35 8.12 20.39 -35.06
CA THR A 35 6.87 19.75 -34.61
C THR A 35 6.06 19.18 -35.79
N GLN A 36 6.49 19.45 -37.06
CA GLN A 36 5.81 19.01 -38.29
CA GLN A 36 5.80 19.02 -38.29
C GLN A 36 4.38 19.63 -38.33
N LEU A 37 4.25 20.83 -37.72
CA LEU A 37 3.00 21.58 -37.63
C LEU A 37 3.07 22.80 -38.56
N PRO A 38 1.95 23.35 -39.05
CA PRO A 38 2.05 24.56 -39.86
C PRO A 38 2.50 25.76 -39.02
N LYS A 39 3.26 26.70 -39.62
CA LYS A 39 3.70 27.93 -38.95
C LYS A 39 2.48 28.69 -38.34
N ARG A 40 1.34 28.72 -39.07
CA ARG A 40 0.13 29.41 -38.65
CA ARG A 40 0.11 29.39 -38.68
C ARG A 40 -0.39 28.84 -37.33
N THR A 41 -0.26 27.51 -37.11
CA THR A 41 -0.68 26.84 -35.88
C THR A 41 0.20 27.32 -34.71
N ILE A 42 1.54 27.42 -34.91
CA ILE A 42 2.50 27.93 -33.91
C ILE A 42 2.18 29.39 -33.62
N GLU A 43 1.86 30.14 -34.67
CA GLU A 43 1.49 31.56 -34.58
C GLU A 43 0.22 31.73 -33.70
N ARG A 44 -0.83 30.91 -33.93
CA ARG A 44 -2.11 30.93 -33.20
CA ARG A 44 -2.11 30.92 -33.20
C ARG A 44 -1.93 30.48 -31.75
N ILE A 45 -1.06 29.49 -31.51
CA ILE A 45 -0.76 29.03 -30.15
C ILE A 45 -0.08 30.16 -29.42
N GLU A 46 0.92 30.80 -30.03
CA GLU A 46 1.68 31.86 -29.39
C GLU A 46 0.84 33.14 -29.13
N ASN A 47 -0.19 33.43 -29.97
CA ASN A 47 -1.09 34.59 -29.82
CA ASN A 47 -0.98 34.64 -29.69
C ASN A 47 -2.30 34.28 -28.92
N GLY A 48 -2.45 33.00 -28.56
CA GLY A 48 -3.57 32.53 -27.75
C GLY A 48 -4.91 32.55 -28.45
N SER A 49 -4.90 32.37 -29.78
CA SER A 49 -6.11 32.41 -30.60
C SER A 49 -6.58 31.00 -31.03
N LEU A 50 -6.01 29.95 -30.41
CA LEU A 50 -6.40 28.56 -30.67
C LEU A 50 -7.10 28.01 -29.42
N ALA A 51 -8.46 27.94 -29.47
CA ALA A 51 -9.35 27.52 -28.37
C ALA A 51 -9.06 26.14 -27.81
N HIS A 52 -8.85 25.14 -28.68
CA HIS A 52 -8.58 23.77 -28.28
CA HIS A 52 -8.59 23.77 -28.28
C HIS A 52 -7.17 23.37 -28.66
N LEU A 53 -6.42 22.84 -27.70
CA LEU A 53 -5.05 22.36 -27.85
C LEU A 53 -5.06 20.84 -27.66
N ASP A 54 -5.07 20.07 -28.77
CA ASP A 54 -5.13 18.61 -28.67
C ASP A 54 -3.80 17.98 -28.21
N ALA A 55 -3.88 16.72 -27.73
CA ALA A 55 -2.78 15.93 -27.21
C ALA A 55 -1.59 15.82 -28.17
N ASP A 56 -1.83 15.53 -29.49
CA ASP A 56 -0.77 15.43 -30.50
C ASP A 56 0.06 16.70 -30.55
N ILE A 57 -0.59 17.88 -30.60
CA ILE A 57 0.09 19.19 -30.61
C ILE A 57 0.95 19.33 -29.37
N LEU A 58 0.38 19.09 -28.20
CA LEU A 58 1.09 19.27 -26.93
C LEU A 58 2.31 18.34 -26.80
N LEU A 59 2.15 17.05 -27.19
CA LEU A 59 3.24 16.09 -27.17
C LEU A 59 4.33 16.46 -28.16
N ARG A 60 3.95 16.91 -29.37
CA ARG A 60 4.92 17.37 -30.37
C ARG A 60 5.70 18.58 -29.82
N LEU A 61 5.01 19.55 -29.20
CA LEU A 61 5.65 20.76 -28.62
C LEU A 61 6.61 20.38 -27.50
N ALA A 62 6.20 19.50 -26.57
CA ALA A 62 7.04 19.06 -25.45
C ALA A 62 8.26 18.29 -25.93
N ASP A 63 8.09 17.42 -26.93
CA ASP A 63 9.18 16.67 -27.52
C ASP A 63 10.18 17.59 -28.25
N ALA A 64 9.69 18.51 -29.12
CA ALA A 64 10.54 19.44 -29.88
C ALA A 64 11.26 20.41 -28.96
N LEU A 65 10.60 20.90 -27.89
CA LEU A 65 11.19 21.87 -26.97
C LEU A 65 12.17 21.20 -25.96
N GLU A 66 12.32 19.87 -26.02
CA GLU A 66 13.26 19.07 -25.19
C GLU A 66 13.07 19.35 -23.69
N LEU A 67 11.84 19.32 -23.26
CA LEU A 67 11.49 19.56 -21.87
C LEU A 67 11.93 18.40 -20.99
N THR A 68 12.28 18.68 -19.73
CA THR A 68 12.60 17.64 -18.77
C THR A 68 11.29 16.96 -18.39
N ILE A 69 11.36 15.78 -17.74
CA ILE A 69 10.15 15.05 -17.30
C ILE A 69 9.29 15.96 -16.41
N GLY A 70 9.93 16.66 -15.48
CA GLY A 70 9.25 17.61 -14.58
C GLY A 70 8.61 18.77 -15.34
N GLU A 71 9.31 19.31 -16.39
CA GLU A 71 8.79 20.39 -17.24
C GLU A 71 7.57 19.90 -18.04
N ARG A 72 7.60 18.65 -18.57
CA ARG A 72 6.51 18.07 -19.38
C ARG A 72 5.21 18.06 -18.59
N ARG A 73 5.26 17.53 -17.38
CA ARG A 73 4.15 17.47 -16.43
C ARG A 73 3.56 18.90 -16.25
N GLU A 74 4.39 19.91 -15.93
CA GLU A 74 3.95 21.31 -15.70
C GLU A 74 3.39 21.96 -16.96
N PHE A 75 4.03 21.66 -18.10
CA PHE A 75 3.66 22.19 -19.42
C PHE A 75 2.30 21.66 -19.87
N PHE A 76 2.07 20.35 -19.71
CA PHE A 76 0.80 19.74 -20.10
C PHE A 76 -0.31 20.25 -19.21
N PHE A 77 -0.05 20.40 -17.89
CA PHE A 77 -1.06 20.89 -16.95
C PHE A 77 -1.41 22.35 -17.24
N ALA A 78 -0.41 23.17 -17.63
CA ALA A 78 -0.65 24.57 -17.99
C ALA A 78 -1.56 24.66 -19.22
N ALA A 79 -1.47 23.66 -20.10
CA ALA A 79 -2.30 23.61 -21.31
C ALA A 79 -3.67 22.98 -21.07
N THR A 80 -3.77 21.87 -20.33
CA THR A 80 -5.03 21.15 -20.19
C THR A 80 -5.77 21.34 -18.86
N GLY A 81 -5.13 21.90 -17.85
CA GLY A 81 -5.75 22.13 -16.55
C GLY A 81 -7.04 22.93 -16.63
N ILE A 82 -8.12 22.40 -16.00
CA ILE A 82 -9.43 23.07 -16.01
C ILE A 82 -9.36 24.24 -15.06
N ILE A 83 -9.74 25.43 -15.55
CA ILE A 83 -9.83 26.65 -14.75
C ILE A 83 -11.29 26.70 -14.23
N GLU A 84 -11.44 26.93 -12.94
CA GLU A 84 -12.76 27.01 -12.29
C GLU A 84 -13.43 28.34 -12.63
N GLN A 85 -14.77 28.39 -12.54
CA GLN A 85 -15.53 29.62 -12.81
C GLN A 85 -15.18 30.68 -11.72
N LYS A 86 -15.14 30.24 -10.46
CA LYS A 86 -14.77 31.07 -9.31
C LYS A 86 -13.26 31.08 -9.14
N SER A 87 -12.66 32.25 -8.85
CA SER A 87 -11.21 32.33 -8.65
C SER A 87 -10.85 31.64 -7.33
N ALA A 88 -9.61 31.08 -7.26
CA ALA A 88 -9.09 30.35 -6.10
C ALA A 88 -9.17 31.19 -4.81
N THR A 89 -9.51 30.52 -3.71
CA THR A 89 -9.62 31.11 -2.39
C THR A 89 -8.50 30.56 -1.49
N TYR A 90 -7.92 31.42 -0.64
CA TYR A 90 -6.84 31.01 0.27
C TYR A 90 -7.17 31.43 1.69
N LYS A 91 -6.89 30.55 2.67
CA LYS A 91 -7.09 30.79 4.09
C LYS A 91 -6.29 32.01 4.56
N ARG A 92 -5.04 32.15 4.06
CA ARG A 92 -4.13 33.24 4.40
C ARG A 92 -3.77 34.08 3.19
N SER A 93 -3.51 35.37 3.42
CA SER A 93 -3.05 36.31 2.41
C SER A 93 -1.58 35.95 2.01
N PRO A 94 -1.00 36.46 0.89
CA PRO A 94 0.41 36.13 0.58
C PRO A 94 1.37 36.45 1.75
N GLU A 95 1.22 37.63 2.38
CA GLU A 95 2.03 38.08 3.53
C GLU A 95 1.88 37.13 4.75
N GLU A 96 0.64 36.72 5.09
CA GLU A 96 0.35 35.81 6.20
C GLU A 96 0.89 34.40 5.92
N SER A 97 0.92 33.99 4.64
CA SER A 97 1.43 32.70 4.17
C SER A 97 2.95 32.63 4.37
N LEU A 98 3.68 33.70 4.02
CA LEU A 98 5.13 33.75 4.19
C LEU A 98 5.48 33.81 5.66
N GLN A 99 4.73 34.62 6.44
CA GLN A 99 4.95 34.76 7.88
C GLN A 99 4.76 33.42 8.60
N TYR A 100 3.77 32.62 8.14
CA TYR A 100 3.46 31.29 8.65
C TYR A 100 4.63 30.34 8.41
N LEU A 101 5.27 30.39 7.21
CA LEU A 101 6.44 29.58 6.88
C LEU A 101 7.66 30.03 7.69
N ILE A 102 7.83 31.37 7.86
CA ILE A 102 8.93 31.95 8.65
C ILE A 102 8.80 31.50 10.10
N ASP A 103 7.57 31.61 10.69
CA ASP A 103 7.30 31.20 12.07
C ASP A 103 7.61 29.74 12.30
N ILE A 105 9.88 27.76 10.28
CA ILE A 105 11.31 27.49 10.14
C ILE A 105 12.09 28.08 11.34
N ARG A 106 11.59 29.17 11.97
CA ARG A 106 12.21 29.75 13.16
C ARG A 106 12.24 28.72 14.32
N ASN A 107 11.20 27.86 14.43
CA ASN A 107 11.04 26.87 15.48
C ASN A 107 11.68 25.51 15.19
N ASN A 109 14.86 22.89 14.55
CA ASN A 109 16.24 22.77 14.97
C ASN A 109 17.04 22.06 13.91
N VAL A 110 16.60 22.19 12.65
CA VAL A 110 17.29 21.65 11.47
C VAL A 110 17.40 22.74 10.39
N PRO A 111 18.33 22.66 9.41
CA PRO A 111 18.34 23.67 8.34
C PRO A 111 17.01 23.69 7.59
N ALA A 112 16.48 24.89 7.38
CA ALA A 112 15.23 25.10 6.65
C ALA A 112 15.23 26.49 6.03
N PHE A 113 14.72 26.59 4.81
CA PHE A 113 14.64 27.86 4.11
C PHE A 113 13.44 27.87 3.18
N VAL A 114 13.08 29.06 2.67
CA VAL A 114 11.93 29.28 1.80
C VAL A 114 12.38 29.84 0.46
N THR A 115 11.79 29.31 -0.65
CA THR A 115 12.01 29.81 -2.01
C THR A 115 10.65 30.16 -2.64
N ASP A 116 10.67 30.96 -3.72
CA ASP A 116 9.44 31.38 -4.40
C ASP A 116 9.34 30.75 -5.83
N GLN A 117 8.46 31.30 -6.69
CA GLN A 117 8.20 30.82 -8.06
C GLN A 117 9.47 30.86 -9.01
N TYR A 118 10.48 31.72 -8.71
CA TYR A 118 11.74 31.82 -9.45
C TYR A 118 12.84 31.04 -8.81
N VAL A 119 12.54 30.39 -7.65
CA VAL A 119 13.44 29.62 -6.78
C VAL A 119 14.52 30.61 -6.17
N ASN A 120 14.08 31.86 -5.96
CA ASN A 120 14.86 32.83 -5.22
C ASN A 120 14.73 32.46 -3.76
N ILE A 121 15.76 32.67 -2.94
CA ILE A 121 15.67 32.34 -1.51
C ILE A 121 15.10 33.54 -0.80
N ILE A 122 13.93 33.37 -0.18
CA ILE A 122 13.18 34.42 0.49
C ILE A 122 13.60 34.56 1.98
N ALA A 123 13.83 33.43 2.64
CA ALA A 123 14.17 33.44 4.06
C ALA A 123 14.85 32.16 4.41
N ALA A 124 15.66 32.20 5.47
CA ALA A 124 16.38 31.04 5.93
C ALA A 124 16.57 31.17 7.43
N ASN A 125 16.50 30.05 8.16
CA ASN A 125 16.83 30.14 9.57
C ASN A 125 18.37 30.22 9.70
N ILE A 127 20.37 28.32 11.26
CA ILE A 127 20.96 26.97 11.19
C ILE A 127 21.43 26.71 9.75
N THR A 128 20.66 27.12 8.75
CA THR A 128 21.00 27.00 7.33
C THR A 128 22.28 27.79 7.04
N ILE A 129 22.34 29.04 7.51
CA ILE A 129 23.49 29.93 7.30
C ILE A 129 24.73 29.35 7.94
N ARG A 130 24.63 28.90 9.19
CA ARG A 130 25.75 28.29 9.90
C ARG A 130 26.19 26.97 9.24
N PHE A 131 25.23 26.14 8.81
CA PHE A 131 25.55 24.85 8.21
C PHE A 131 26.32 25.02 6.90
N PHE A 132 25.81 25.88 5.99
CA PHE A 132 26.44 26.09 4.69
C PHE A 132 27.62 27.03 4.77
N ASN A 133 27.81 27.73 5.93
CA ASN A 133 28.91 28.66 6.21
C ASN A 133 28.96 29.66 5.05
N ILE A 134 27.84 30.33 4.83
CA ILE A 134 27.71 31.33 3.77
C ILE A 134 28.43 32.60 4.25
N PRO A 135 29.48 33.11 3.54
CA PRO A 135 30.11 34.37 3.98
C PRO A 135 29.06 35.49 4.06
N GLU A 137 29.31 38.60 3.80
CA GLU A 137 29.55 39.60 2.76
C GLU A 137 28.79 39.25 1.47
N LEU A 138 28.70 37.94 1.14
CA LEU A 138 27.98 37.44 -0.04
C LEU A 138 26.45 37.65 0.08
N ILE A 139 25.93 37.66 1.32
CA ILE A 139 24.53 37.94 1.61
C ILE A 139 24.30 39.45 1.41
N GLU A 140 25.24 40.28 1.93
CA GLU A 140 25.24 41.74 1.88
C GLU A 140 25.26 42.30 0.46
N THR A 141 25.92 41.59 -0.49
CA THR A 141 26.06 42.02 -1.89
C THR A 141 25.09 41.29 -2.86
N ALA A 142 24.25 40.36 -2.36
CA ALA A 142 23.22 39.67 -3.16
C ALA A 142 22.15 40.67 -3.72
N PRO A 143 21.74 41.77 -3.02
CA PRO A 143 20.78 42.71 -3.64
C PRO A 143 21.28 43.40 -4.92
N LEU A 144 22.60 43.45 -5.13
CA LEU A 144 23.21 44.15 -6.28
C LEU A 144 23.20 43.36 -7.59
N LEU A 145 22.72 42.10 -7.55
CA LEU A 145 22.66 41.19 -8.72
C LEU A 145 21.23 40.69 -8.97
N PRO A 146 20.77 40.60 -10.24
CA PRO A 146 19.39 40.07 -10.50
C PRO A 146 19.17 38.64 -10.02
N HIS A 147 20.24 37.86 -10.03
CA HIS A 147 20.26 36.43 -9.64
C HIS A 147 20.92 36.25 -8.26
N GLY A 148 21.15 37.37 -7.56
CA GLY A 148 21.82 37.44 -6.26
C GLY A 148 21.34 36.49 -5.17
N TYR A 149 20.01 36.27 -5.06
CA TYR A 149 19.46 35.37 -4.02
C TYR A 149 18.97 34.04 -4.58
N ASN A 150 19.25 33.77 -5.87
CA ASN A 150 18.73 32.55 -6.48
C ASN A 150 19.44 31.32 -5.99
N LEU A 151 18.68 30.25 -5.75
CA LEU A 151 19.21 28.97 -5.29
C LEU A 151 20.29 28.43 -6.28
N ARG A 153 22.32 30.31 -8.02
CA ARG A 153 23.55 31.07 -7.82
C ARG A 153 24.38 30.44 -6.72
N VAL A 154 23.72 29.88 -5.68
CA VAL A 154 24.41 29.20 -4.58
C VAL A 154 25.05 27.90 -5.10
N VAL A 155 24.27 27.09 -5.85
CA VAL A 155 24.69 25.79 -6.36
C VAL A 155 25.71 25.92 -7.51
N PHE A 156 25.48 26.83 -8.48
CA PHE A 156 26.33 26.96 -9.67
C PHE A 156 27.24 28.20 -9.76
N GLY A 157 27.13 29.13 -8.82
CA GLY A 157 27.92 30.35 -8.78
C GLY A 157 29.38 30.14 -8.47
N THR A 158 30.19 31.16 -8.76
CA THR A 158 31.65 31.17 -8.60
C THR A 158 32.07 31.80 -7.25
N GLU A 159 31.19 32.62 -6.64
CA GLU A 159 31.43 33.34 -5.36
C GLU A 159 31.43 32.37 -4.15
N TYR A 160 30.55 31.36 -4.15
CA TYR A 160 30.45 30.35 -3.11
C TYR A 160 30.76 28.99 -3.77
N ASP A 161 31.68 28.24 -3.21
CA ASP A 161 32.09 26.99 -3.84
C ASP A 161 31.30 25.82 -3.26
N PHE A 162 30.08 25.60 -3.79
CA PHE A 162 29.21 24.52 -3.36
C PHE A 162 29.75 23.17 -3.83
N ARG A 163 30.38 23.13 -5.03
CA ARG A 163 30.98 21.93 -5.60
C ARG A 163 32.03 21.34 -4.61
N ARG A 164 32.81 22.20 -3.92
CA ARG A 164 33.82 21.80 -2.94
C ARG A 164 33.18 21.12 -1.69
N VAL A 165 32.04 21.62 -1.22
CA VAL A 165 31.34 21.10 -0.06
C VAL A 165 30.84 19.66 -0.33
N VAL A 166 30.10 19.45 -1.43
CA VAL A 166 29.50 18.14 -1.74
C VAL A 166 30.48 17.15 -2.39
N GLY A 167 31.57 17.67 -2.98
CA GLY A 167 32.65 16.90 -3.57
C GLY A 167 32.26 15.91 -4.65
N THR A 168 32.49 14.61 -4.42
CA THR A 168 32.20 13.55 -5.41
C THR A 168 30.70 13.42 -5.70
N TRP A 170 28.85 15.97 -6.41
CA TRP A 170 28.53 17.16 -7.25
C TRP A 170 27.59 16.87 -8.42
N ASP A 171 27.94 15.91 -9.32
CA ASP A 171 27.12 15.58 -10.50
CA ASP A 171 27.13 15.59 -10.50
C ASP A 171 25.67 15.33 -10.11
N GLU A 172 25.44 14.47 -9.10
CA GLU A 172 24.12 14.09 -8.60
C GLU A 172 23.34 15.28 -8.04
N VAL A 173 23.98 16.05 -7.16
CA VAL A 173 23.39 17.22 -6.48
C VAL A 173 23.06 18.32 -7.51
N ALA A 174 23.99 18.61 -8.44
CA ALA A 174 23.77 19.61 -9.48
C ALA A 174 22.68 19.17 -10.45
N ARG A 175 22.61 17.87 -10.76
CA ARG A 175 21.57 17.33 -11.64
C ARG A 175 20.19 17.49 -11.02
N HIS A 176 20.07 17.17 -9.72
CA HIS A 176 18.84 17.26 -8.96
C HIS A 176 18.37 18.70 -8.85
N ASN A 177 19.28 19.63 -8.48
CA ASN A 177 18.94 21.05 -8.35
C ASN A 177 18.53 21.68 -9.70
N GLN A 179 17.00 19.93 -12.14
CA GLN A 179 15.67 19.35 -12.36
C GLN A 179 14.60 20.11 -11.60
N LEU A 180 14.88 20.43 -10.33
CA LEU A 180 14.00 21.20 -9.44
CA LEU A 180 14.02 21.18 -9.42
C LEU A 180 13.74 22.56 -10.02
N PHE A 181 14.82 23.29 -10.37
CA PHE A 181 14.78 24.64 -10.95
C PHE A 181 13.94 24.69 -12.19
N ARG A 182 14.17 23.78 -13.11
CA ARG A 182 13.47 23.71 -14.38
C ARG A 182 11.99 23.35 -14.23
N ALA A 183 11.62 22.42 -13.32
CA ALA A 183 10.21 22.05 -13.11
C ALA A 183 9.45 23.15 -12.36
N ILE A 184 10.08 23.79 -11.36
CA ILE A 184 9.42 24.84 -10.56
C ILE A 184 9.18 26.08 -11.43
N SER A 185 10.19 26.48 -12.19
CA SER A 185 10.17 27.72 -12.98
C SER A 185 9.31 27.61 -14.23
N LEU A 186 8.95 26.35 -14.67
CA LEU A 186 8.24 26.15 -15.93
C LEU A 186 7.09 27.16 -16.15
N ARG A 187 6.21 27.38 -15.17
CA ARG A 187 5.03 28.26 -15.30
C ARG A 187 5.35 29.76 -15.45
N VAL A 188 6.53 30.20 -15.03
CA VAL A 188 6.88 31.61 -15.06
C VAL A 188 8.02 31.91 -16.07
N ARG A 189 8.27 31.02 -17.04
CA ARG A 189 9.37 31.22 -18.01
C ARG A 189 9.18 32.44 -18.92
N ALA A 190 7.93 32.92 -19.12
CA ALA A 190 7.69 34.12 -19.95
C ALA A 190 7.83 35.45 -19.16
N ASP A 191 7.96 35.37 -17.82
CA ASP A 191 8.15 36.56 -16.97
C ASP A 191 9.45 37.27 -17.33
N GLY A 192 9.37 38.59 -17.50
CA GLY A 192 10.53 39.41 -17.84
C GLY A 192 11.67 39.19 -16.85
N TYR A 193 11.34 39.10 -15.55
CA TYR A 193 12.32 38.83 -14.50
C TYR A 193 12.98 37.45 -14.70
N PHE A 194 12.21 36.40 -15.07
CA PHE A 194 12.81 35.08 -15.31
C PHE A 194 13.80 35.14 -16.48
N VAL A 195 13.41 35.83 -17.57
CA VAL A 195 14.28 35.96 -18.76
C VAL A 195 15.62 36.61 -18.33
N GLU A 196 15.56 37.67 -17.50
CA GLU A 196 16.77 38.35 -17.00
C GLU A 196 17.57 37.40 -16.09
N LEU A 197 16.87 36.68 -15.21
CA LEU A 197 17.45 35.73 -14.26
C LEU A 197 18.21 34.61 -15.03
N LEU A 198 17.57 34.01 -16.04
CA LEU A 198 18.17 32.95 -16.84
C LEU A 198 19.44 33.44 -17.57
N ASP A 199 19.41 34.65 -18.14
CA ASP A 199 20.57 35.24 -18.83
C ASP A 199 21.78 35.38 -17.90
N ASN A 200 21.55 35.74 -16.63
CA ASN A 200 22.63 35.89 -15.64
C ASN A 200 23.16 34.53 -15.22
N LEU A 201 22.25 33.56 -15.06
CA LEU A 201 22.64 32.20 -14.68
C LEU A 201 23.45 31.54 -15.81
N GLN A 203 25.61 32.84 -17.63
CA GLN A 203 27.00 33.32 -17.64
C GLN A 203 27.91 32.32 -16.90
N TYR A 204 27.34 31.41 -16.10
CA TYR A 204 28.11 30.40 -15.40
C TYR A 204 28.19 29.19 -16.29
N ARG A 205 29.42 28.83 -16.60
CA ARG A 205 29.82 27.69 -17.42
C ARG A 205 29.18 26.39 -16.90
N GLU A 206 29.22 26.14 -15.57
CA GLU A 206 28.65 24.91 -14.99
C GLU A 206 27.13 24.92 -15.04
N PHE A 207 26.48 26.10 -14.90
CA PHE A 207 25.02 26.17 -15.01
C PHE A 207 24.61 25.75 -16.43
N LYS A 208 25.27 26.34 -17.47
CA LYS A 208 24.99 26.04 -18.87
C LYS A 208 25.14 24.56 -19.16
N ARG A 209 26.22 23.94 -18.67
CA ARG A 209 26.55 22.54 -18.86
C ARG A 209 25.43 21.62 -18.36
N PHE A 210 24.94 21.84 -17.11
CA PHE A 210 23.88 21.03 -16.53
C PHE A 210 22.51 21.35 -17.13
N TRP A 211 22.28 22.62 -17.58
CA TRP A 211 21.05 23.04 -18.23
C TRP A 211 20.89 22.31 -19.57
N GLU A 212 21.92 22.30 -20.43
CA GLU A 212 21.84 21.70 -21.76
C GLU A 212 21.71 20.17 -21.74
N ARG A 213 22.15 19.52 -20.66
CA ARG A 213 22.13 18.08 -20.43
C ARG A 213 20.84 17.60 -19.76
N ALA A 214 20.14 18.50 -19.05
CA ALA A 214 18.97 18.20 -18.21
C ALA A 214 17.89 17.31 -18.89
N HIS A 215 17.53 17.58 -20.16
CA HIS A 215 16.51 16.79 -20.88
C HIS A 215 16.91 15.32 -21.16
N LEU A 216 18.21 15.01 -21.11
CA LEU A 216 18.72 13.65 -21.39
C LEU A 216 18.47 12.68 -20.22
N GLU A 217 18.11 13.20 -19.04
CA GLU A 217 17.81 12.41 -17.85
C GLU A 217 16.50 11.66 -18.03
N THR A 218 16.53 10.33 -17.84
CA THR A 218 15.37 9.43 -17.98
C THR A 218 14.65 9.23 -16.65
N GLU A 219 15.29 9.63 -15.54
CA GLU A 219 14.74 9.54 -14.19
C GLU A 219 14.47 10.95 -13.64
N ASP A 220 13.28 11.16 -13.09
CA ASP A 220 12.88 12.45 -12.53
C ASP A 220 13.03 12.45 -11.02
N THR A 221 13.73 13.45 -10.46
CA THR A 221 13.94 13.62 -9.03
C THR A 221 13.33 14.95 -8.54
N SER A 222 12.85 15.80 -9.48
CA SER A 222 12.26 17.13 -9.23
C SER A 222 11.11 17.13 -8.19
N ALA A 223 10.28 16.07 -8.16
CA ALA A 223 9.14 15.92 -7.24
C ALA A 223 9.46 14.97 -6.06
N GLU A 224 10.75 14.68 -5.82
CA GLU A 224 11.17 13.78 -4.76
C GLU A 224 12.24 14.39 -3.84
N ASN A 225 12.35 13.80 -2.65
CA ASN A 225 13.35 14.16 -1.67
C ASN A 225 14.71 13.68 -2.11
N PHE A 226 15.77 14.38 -1.74
CA PHE A 226 17.13 13.94 -2.08
C PHE A 226 17.85 13.49 -0.81
N TRP A 227 18.41 12.28 -0.84
CA TRP A 227 19.18 11.75 0.28
C TRP A 227 20.66 12.04 0.07
N TYR A 228 21.21 12.97 0.88
CA TYR A 228 22.62 13.33 0.87
C TYR A 228 23.40 12.39 1.78
N GLN A 229 24.46 11.78 1.25
CA GLN A 229 25.38 10.90 1.97
C GLN A 229 26.77 11.12 1.42
N TYR A 230 27.63 11.75 2.21
CA TYR A 230 28.97 12.12 1.77
C TYR A 230 29.83 12.54 2.95
N THR A 231 31.13 12.62 2.71
CA THR A 231 32.11 13.10 3.67
C THR A 231 32.22 14.62 3.42
N HIS A 232 31.70 15.41 4.36
CA HIS A 232 31.78 16.86 4.27
C HIS A 232 33.24 17.27 4.53
N PRO A 233 33.84 18.22 3.76
CA PRO A 233 35.27 18.54 3.97
C PRO A 233 35.60 19.04 5.39
N VAL A 234 34.61 19.55 6.16
CA VAL A 234 34.91 19.98 7.54
C VAL A 234 34.03 19.26 8.59
N TYR A 235 32.80 18.80 8.24
CA TYR A 235 31.94 18.14 9.24
C TYR A 235 32.11 16.61 9.28
N GLY A 236 32.84 16.08 8.30
CA GLY A 236 33.05 14.63 8.15
C GLY A 236 31.82 13.98 7.54
N LEU A 237 31.62 12.69 7.83
CA LEU A 237 30.50 11.90 7.36
C LEU A 237 29.13 12.42 7.83
N LEU A 238 28.30 12.76 6.85
CA LEU A 238 26.95 13.28 7.05
C LEU A 238 25.96 12.45 6.28
N SER A 239 24.70 12.41 6.76
CA SER A 239 23.60 11.70 6.12
C SER A 239 22.32 12.41 6.48
N TYR A 240 21.66 12.99 5.47
CA TYR A 240 20.41 13.73 5.67
C TYR A 240 19.58 13.75 4.41
N VAL A 241 18.27 13.98 4.57
CA VAL A 241 17.35 14.03 3.45
C VAL A 241 16.75 15.45 3.38
N SER A 242 16.74 16.05 2.17
CA SER A 242 16.12 17.35 1.93
C SER A 242 14.72 17.14 1.38
N SER A 243 13.73 17.81 1.96
CA SER A 243 12.32 17.75 1.54
C SER A 243 11.87 19.12 1.10
N ARG A 244 11.04 19.18 0.07
CA ARG A 244 10.49 20.44 -0.37
C ARG A 244 8.97 20.34 -0.34
N SER A 245 8.30 21.22 0.45
CA SER A 245 6.85 21.33 0.57
C SER A 245 6.40 22.60 -0.16
N GLN A 246 5.29 22.56 -0.85
CA GLN A 246 4.82 23.74 -1.57
C GLN A 246 3.50 24.24 -1.00
N ILE A 247 3.31 25.58 -0.99
CA ILE A 247 2.07 26.21 -0.56
C ILE A 247 1.64 27.22 -1.62
N PRO A 248 0.34 27.21 -2.00
CA PRO A 248 -0.13 28.18 -3.00
C PRO A 248 -0.55 29.51 -2.36
N THR A 249 -0.31 30.62 -3.07
CA THR A 249 -0.72 31.95 -2.64
C THR A 249 -1.24 32.71 -3.88
N SER A 250 -1.96 33.82 -3.69
CA SER A 250 -2.47 34.65 -4.78
C SER A 250 -1.33 35.38 -5.50
N GLY A 252 1.67 33.71 -6.19
CA GLY A 252 2.57 32.63 -6.60
C GLY A 252 2.93 31.69 -5.47
N LEU A 253 3.45 30.53 -5.84
CA LEU A 253 3.84 29.50 -4.88
C LEU A 253 4.99 29.93 -3.94
N LEU A 254 5.07 29.24 -2.81
CA LEU A 254 6.13 29.31 -1.82
C LEU A 254 6.55 27.89 -1.54
N SER A 255 7.86 27.62 -1.48
CA SER A 255 8.39 26.29 -1.16
C SER A 255 9.17 26.31 0.15
N HIS A 257 11.97 24.24 2.25
CA HIS A 257 13.02 23.23 2.14
C HIS A 257 13.53 22.91 3.54
N THR A 258 13.50 21.63 3.93
CA THR A 258 13.98 21.19 5.25
C THR A 258 15.01 20.10 5.07
N TYR A 259 15.95 19.97 6.02
CA TYR A 259 16.98 18.93 5.96
C TYR A 259 16.87 18.08 7.24
N ILE A 260 16.33 16.84 7.13
CA ILE A 260 16.13 15.92 8.26
C ILE A 260 17.40 15.05 8.44
N PRO A 261 18.03 15.03 9.64
CA PRO A 261 19.25 14.21 9.84
C PRO A 261 18.96 12.72 9.89
N LEU A 262 19.85 11.90 9.30
CA LEU A 262 19.67 10.44 9.20
C LEU A 262 20.85 9.63 9.76
N SER A 263 21.63 10.26 10.63
CA SER A 263 22.74 9.58 11.32
C SER A 263 22.97 10.30 12.63
N PRO A 264 23.42 9.60 13.69
CA PRO A 264 23.69 10.27 14.97
C PRO A 264 24.66 11.47 14.87
N ALA A 265 25.70 11.39 14.00
CA ALA A 265 26.66 12.49 13.82
C ALA A 265 26.00 13.73 13.17
N THR A 266 25.07 13.50 12.21
CA THR A 266 24.33 14.59 11.54
C THR A 266 23.35 15.20 12.54
N THR A 267 22.69 14.35 13.36
CA THR A 267 21.77 14.80 14.41
C THR A 267 22.54 15.70 15.39
N ASP A 268 23.73 15.26 15.82
CA ASP A 268 24.56 16.01 16.77
C ASP A 268 25.03 17.33 16.18
N LEU A 269 25.42 17.33 14.89
CA LEU A 269 25.82 18.55 14.22
C LEU A 269 24.65 19.56 14.20
N PHE A 270 23.45 19.13 13.77
CA PHE A 270 22.30 20.05 13.70
C PHE A 270 21.93 20.56 15.09
N ALA A 271 21.99 19.69 16.11
CA ALA A 271 21.72 20.07 17.51
C ALA A 271 22.72 21.15 17.99
N LYS A 272 24.03 21.00 17.66
CA LYS A 272 25.06 21.99 18.01
C LYS A 272 24.80 23.33 17.33
N LEU A 273 24.42 23.28 16.04
CA LEU A 273 24.18 24.51 15.27
C LEU A 273 22.91 25.24 15.75
N SER A 274 21.89 24.52 16.23
CA SER A 274 20.66 25.14 16.73
C SER A 274 20.90 25.79 18.09
N THR A 275 21.89 25.28 18.84
CA THR A 275 22.28 25.80 20.16
C THR A 275 22.94 27.20 19.98
N VAL A 276 24.04 27.29 19.18
CA VAL A 276 24.82 28.52 18.87
C VAL A 276 23.87 29.73 18.74
N ALA A 277 24.21 30.83 19.48
CA ALA A 277 23.43 32.07 19.59
C ALA A 277 21.98 31.73 20.01
N ASN A 278 21.03 31.70 19.05
CA ASN A 278 19.61 31.37 19.26
C ASN A 278 18.88 31.23 17.91
N GLN A 279 17.56 30.89 17.97
CA GLN A 279 16.67 30.69 16.84
C GLN A 279 16.27 32.03 16.25
N ASP A 280 16.61 32.21 14.96
CA ASP A 280 16.32 33.40 14.18
C ASP A 280 16.24 33.07 12.69
N VAL A 281 15.55 33.96 11.93
CA VAL A 281 15.35 33.82 10.49
C VAL A 281 15.89 35.07 9.82
N ILE A 282 16.73 34.87 8.81
CA ILE A 282 17.26 35.98 8.04
C ILE A 282 16.37 36.13 6.80
N ARG A 283 16.01 37.39 6.52
CA ARG A 283 15.19 37.80 5.38
C ARG A 283 16.12 38.01 4.22
N LEU A 284 15.82 37.39 3.07
CA LEU A 284 16.73 37.47 1.95
C LEU A 284 16.07 38.16 0.75
N ALA A 285 15.69 37.46 -0.33
CA ALA A 285 15.04 38.13 -1.46
C ALA A 285 13.67 38.72 -1.02
N PRO A 286 13.30 39.94 -1.45
CA PRO A 286 11.97 40.47 -1.05
C PRO A 286 10.84 39.66 -1.68
N TRP A 287 9.68 39.53 -0.98
CA TRP A 287 8.56 38.75 -1.51
C TRP A 287 7.18 39.30 -1.08
N PRO A 288 6.20 39.41 -2.02
CA PRO A 288 6.29 39.09 -3.47
C PRO A 288 7.28 40.04 -4.16
N ARG A 289 8.07 39.52 -5.13
CA ARG A 289 9.13 40.22 -5.89
C ARG A 289 8.52 41.46 -6.57
N SER A 290 7.44 41.23 -7.35
CA SER A 290 6.66 42.32 -7.94
C SER A 290 5.27 42.20 -7.32
N ASN A 291 5.07 42.92 -6.19
CA ASN A 291 3.84 42.85 -5.40
C ASN A 291 2.72 43.72 -6.00
N GLY A 292 2.31 43.35 -7.20
CA GLY A 292 1.25 44.01 -7.97
C GLY A 292 1.43 43.90 -9.47
N GLY B 1 -3.88 11.67 -15.75
CA GLY B 1 -4.63 11.47 -16.98
C GLY B 1 -5.08 10.04 -17.10
N GLU B 3 -7.53 6.98 -19.56
CA GLU B 3 -8.19 6.62 -20.82
C GLU B 3 -9.71 6.82 -20.61
N ARG B 4 -10.47 7.02 -21.71
CA ARG B 4 -11.91 7.30 -21.62
C ARG B 4 -12.69 6.21 -20.84
N ALA B 5 -12.37 4.92 -21.04
CA ALA B 5 -13.05 3.82 -20.38
C ALA B 5 -12.78 3.83 -18.86
N ALA B 6 -11.52 4.09 -18.45
CA ALA B 6 -11.11 4.15 -17.05
C ALA B 6 -11.77 5.35 -16.36
N PHE B 7 -11.86 6.50 -17.08
CA PHE B 7 -12.53 7.69 -16.55
C PHE B 7 -14.02 7.44 -16.38
N GLY B 8 -14.64 6.73 -17.33
CA GLY B 8 -16.03 6.31 -17.23
C GLY B 8 -16.31 5.44 -16.02
N LYS B 9 -15.37 4.51 -15.69
CA LYS B 9 -15.46 3.64 -14.50
C LYS B 9 -15.31 4.45 -13.21
N LEU B 10 -14.55 5.55 -13.27
CA LEU B 10 -14.39 6.46 -12.14
C LEU B 10 -15.72 7.21 -11.87
N VAL B 11 -16.37 7.75 -12.92
CA VAL B 11 -17.65 8.47 -12.83
C VAL B 11 -18.72 7.52 -12.23
N GLN B 12 -18.77 6.28 -12.72
CA GLN B 12 -19.70 5.26 -12.24
C GLN B 12 -19.49 5.02 -10.74
N ALA B 13 -18.21 4.84 -10.30
CA ALA B 13 -17.86 4.60 -8.90
C ALA B 13 -18.24 5.78 -8.02
N LEU B 14 -18.00 7.02 -8.49
CA LEU B 14 -18.34 8.24 -7.77
C LEU B 14 -19.84 8.38 -7.62
N ARG B 15 -20.61 8.09 -8.69
CA ARG B 15 -22.07 8.10 -8.67
C ARG B 15 -22.61 7.09 -7.62
N ARG B 16 -22.03 5.88 -7.61
CA ARG B 16 -22.44 4.78 -6.74
CA ARG B 16 -22.38 4.75 -6.75
C ARG B 16 -22.06 5.03 -5.26
N GLU B 17 -21.28 6.07 -4.94
CA GLU B 17 -20.95 6.43 -3.54
C GLU B 17 -22.11 7.23 -2.95
N HIS B 18 -23.05 7.66 -3.79
CA HIS B 18 -24.16 8.48 -3.33
C HIS B 18 -25.43 7.67 -3.09
N ARG B 19 -26.24 8.16 -2.14
CA ARG B 19 -27.56 7.64 -1.80
C ARG B 19 -28.55 8.80 -1.79
N ASP B 20 -29.75 8.58 -2.34
CA ASP B 20 -30.80 9.60 -2.34
C ASP B 20 -31.52 9.62 -0.95
N GLU B 21 -32.58 10.46 -0.81
CA GLU B 21 -33.38 10.64 0.41
C GLU B 21 -33.98 9.31 0.93
N LYS B 22 -34.30 8.36 0.02
CA LYS B 22 -34.87 7.04 0.33
C LYS B 22 -33.76 5.98 0.57
N GLY B 23 -32.50 6.42 0.60
CA GLY B 23 -31.35 5.55 0.79
C GLY B 23 -30.96 4.71 -0.40
N ARG B 24 -31.49 5.04 -1.60
CA ARG B 24 -31.18 4.31 -2.82
C ARG B 24 -29.93 4.86 -3.50
N VAL B 25 -29.09 3.95 -4.00
CA VAL B 25 -27.87 4.30 -4.75
C VAL B 25 -28.30 5.11 -5.98
N TRP B 26 -27.55 6.20 -6.29
CA TRP B 26 -27.82 7.02 -7.47
C TRP B 26 -27.68 6.23 -8.73
N THR B 27 -28.70 6.33 -9.58
CA THR B 27 -28.73 5.71 -10.90
C THR B 27 -28.20 6.71 -11.91
N GLN B 28 -28.04 6.28 -13.17
CA GLN B 28 -27.62 7.15 -14.27
C GLN B 28 -28.66 8.27 -14.47
N GLU B 29 -29.98 7.93 -14.31
CA GLU B 29 -31.13 8.85 -14.38
C GLU B 29 -31.01 9.97 -13.34
N VAL B 30 -30.65 9.62 -12.09
CA VAL B 30 -30.46 10.58 -10.98
C VAL B 30 -29.28 11.48 -11.30
N LEU B 31 -28.13 10.92 -11.75
CA LEU B 31 -26.97 11.74 -12.11
C LEU B 31 -27.34 12.69 -13.29
N ALA B 32 -28.09 12.17 -14.28
CA ALA B 32 -28.54 12.97 -15.45
C ALA B 32 -29.38 14.17 -14.98
N GLU B 33 -30.32 13.91 -14.05
CA GLU B 33 -31.20 14.92 -13.44
C GLU B 33 -30.39 15.98 -12.68
N ARG B 34 -29.46 15.55 -11.81
CA ARG B 34 -28.61 16.46 -11.02
C ARG B 34 -27.66 17.30 -11.90
N THR B 35 -27.21 16.76 -13.06
CA THR B 35 -26.31 17.46 -14.00
C THR B 35 -27.06 18.29 -15.02
N GLN B 36 -28.36 18.00 -15.23
CA GLN B 36 -29.25 18.56 -16.25
C GLN B 36 -28.69 18.20 -17.64
N LEU B 37 -28.14 16.96 -17.71
CA LEU B 37 -27.59 16.36 -18.91
C LEU B 37 -28.51 15.20 -19.35
N PRO B 38 -28.55 14.84 -20.65
CA PRO B 38 -29.38 13.68 -21.04
C PRO B 38 -28.82 12.38 -20.46
N LYS B 39 -29.68 11.41 -20.12
CA LYS B 39 -29.23 10.12 -19.58
C LYS B 39 -28.23 9.43 -20.55
N ARG B 40 -28.48 9.51 -21.87
CA ARG B 40 -27.62 8.88 -22.87
C ARG B 40 -26.20 9.49 -22.88
N THR B 41 -26.02 10.77 -22.45
CA THR B 41 -24.71 11.44 -22.30
C THR B 41 -23.96 10.81 -21.10
N ILE B 42 -24.67 10.60 -19.96
CA ILE B 42 -24.13 9.97 -18.75
C ILE B 42 -23.71 8.53 -19.09
N GLU B 43 -24.53 7.82 -19.87
CA GLU B 43 -24.27 6.46 -20.34
C GLU B 43 -22.97 6.39 -21.15
N ARG B 44 -22.81 7.32 -22.09
CA ARG B 44 -21.63 7.38 -22.97
C ARG B 44 -20.37 7.74 -22.18
N ILE B 45 -20.48 8.67 -21.21
CA ILE B 45 -19.37 9.02 -20.34
C ILE B 45 -18.95 7.79 -19.54
N GLU B 46 -19.93 7.08 -18.96
CA GLU B 46 -19.64 5.91 -18.11
C GLU B 46 -19.07 4.72 -18.91
N ASN B 47 -19.44 4.59 -20.22
CA ASN B 47 -18.98 3.54 -21.14
C ASN B 47 -17.67 3.89 -21.82
N GLY B 48 -17.26 5.16 -21.70
CA GLY B 48 -16.05 5.67 -22.34
C GLY B 48 -16.19 5.79 -23.85
N SER B 49 -17.43 6.04 -24.33
CA SER B 49 -17.73 6.15 -25.75
C SER B 49 -17.93 7.62 -26.20
N LEU B 50 -17.55 8.57 -25.32
CA LEU B 50 -17.59 10.00 -25.62
C LEU B 50 -16.15 10.52 -25.76
N ALA B 51 -15.69 10.71 -27.02
CA ALA B 51 -14.33 11.08 -27.42
C ALA B 51 -13.90 12.40 -26.81
N HIS B 52 -14.81 13.40 -26.82
CA HIS B 52 -14.53 14.72 -26.27
C HIS B 52 -15.32 14.97 -24.94
N LEU B 53 -14.59 15.34 -23.89
CA LEU B 53 -15.20 15.67 -22.60
C LEU B 53 -15.09 17.17 -22.37
N ASP B 54 -16.12 17.91 -22.83
CA ASP B 54 -16.24 19.38 -22.74
C ASP B 54 -16.06 19.85 -21.31
N ALA B 55 -15.39 20.99 -21.13
CA ALA B 55 -15.17 21.56 -19.81
C ALA B 55 -16.50 21.73 -19.05
N ASP B 56 -17.59 22.08 -19.79
CA ASP B 56 -18.92 22.28 -19.24
C ASP B 56 -19.49 20.97 -18.64
N ILE B 57 -19.32 19.83 -19.37
CA ILE B 57 -19.74 18.49 -18.95
C ILE B 57 -19.04 18.12 -17.63
N LEU B 58 -17.72 18.34 -17.57
CA LEU B 58 -16.89 18.02 -16.42
C LEU B 58 -17.27 18.85 -15.19
N LEU B 59 -17.53 20.15 -15.38
CA LEU B 59 -17.94 21.05 -14.29
C LEU B 59 -19.30 20.64 -13.75
N ARG B 60 -20.25 20.28 -14.62
CA ARG B 60 -21.59 19.83 -14.25
C ARG B 60 -21.52 18.53 -13.41
N LEU B 61 -20.60 17.59 -13.80
CA LEU B 61 -20.36 16.31 -13.10
C LEU B 61 -19.73 16.55 -11.73
N ALA B 62 -18.68 17.40 -11.65
CA ALA B 62 -17.99 17.72 -10.39
C ALA B 62 -18.96 18.40 -9.40
N ASP B 63 -19.84 19.28 -9.91
CA ASP B 63 -20.84 19.97 -9.09
C ASP B 63 -21.87 18.98 -8.54
N ALA B 64 -22.47 18.16 -9.43
CA ALA B 64 -23.51 17.19 -9.03
C ALA B 64 -22.97 16.10 -8.09
N LEU B 65 -21.73 15.64 -8.31
CA LEU B 65 -21.13 14.58 -7.48
C LEU B 65 -20.62 15.12 -6.15
N GLU B 66 -20.72 16.46 -5.91
CA GLU B 66 -20.34 17.13 -4.64
C GLU B 66 -18.90 16.79 -4.23
N LEU B 67 -17.98 16.93 -5.18
CA LEU B 67 -16.58 16.67 -4.97
C LEU B 67 -15.96 17.75 -4.11
N THR B 68 -14.95 17.38 -3.29
CA THR B 68 -14.19 18.35 -2.51
C THR B 68 -13.28 19.12 -3.48
N ILE B 69 -12.70 20.25 -3.03
CA ILE B 69 -11.77 21.05 -3.85
C ILE B 69 -10.63 20.15 -4.37
N GLY B 70 -10.03 19.35 -3.48
CA GLY B 70 -8.97 18.41 -3.82
C GLY B 70 -9.42 17.34 -4.80
N GLU B 71 -10.68 16.87 -4.67
CA GLU B 71 -11.26 15.87 -5.60
C GLU B 71 -11.50 16.47 -6.98
N ARG B 72 -11.94 17.75 -7.04
CA ARG B 72 -12.19 18.44 -8.30
C ARG B 72 -10.92 18.49 -9.15
N ARG B 73 -9.80 18.90 -8.52
CA ARG B 73 -8.47 18.98 -9.11
C ARG B 73 -8.04 17.62 -9.71
N GLU B 74 -8.20 16.53 -8.92
CA GLU B 74 -7.84 15.18 -9.35
C GLU B 74 -8.78 14.65 -10.42
N PHE B 75 -10.07 15.00 -10.32
CA PHE B 75 -11.12 14.57 -11.26
C PHE B 75 -10.95 15.22 -12.61
N PHE B 76 -10.68 16.53 -12.65
CA PHE B 76 -10.46 17.25 -13.92
C PHE B 76 -9.17 16.77 -14.59
N PHE B 77 -8.12 16.51 -13.79
CA PHE B 77 -6.85 16.01 -14.32
C PHE B 77 -7.01 14.59 -14.87
N ALA B 78 -7.82 13.73 -14.21
CA ALA B 78 -8.06 12.37 -14.70
C ALA B 78 -8.80 12.44 -16.03
N ALA B 79 -9.61 13.48 -16.26
CA ALA B 79 -10.31 13.64 -17.52
C ALA B 79 -9.45 14.28 -18.63
N THR B 80 -8.68 15.33 -18.33
CA THR B 80 -7.96 16.09 -19.37
C THR B 80 -6.44 15.88 -19.42
N GLY B 81 -5.85 15.33 -18.37
CA GLY B 81 -4.42 15.09 -18.29
C GLY B 81 -3.84 14.32 -19.45
N ILE B 82 -2.71 14.79 -19.93
CA ILE B 82 -1.99 14.18 -21.03
C ILE B 82 -1.32 12.88 -20.53
N ILE B 83 -1.58 11.80 -21.26
CA ILE B 83 -0.96 10.49 -21.04
C ILE B 83 0.25 10.43 -21.96
N GLU B 84 1.40 9.97 -21.43
CA GLU B 84 2.62 9.83 -22.23
C GLU B 84 2.51 8.60 -23.12
N GLN B 85 3.15 8.64 -24.30
CA GLN B 85 3.13 7.53 -25.26
C GLN B 85 3.91 6.36 -24.67
N LYS B 86 5.07 6.66 -24.05
CA LYS B 86 5.93 5.67 -23.41
C LYS B 86 5.48 5.45 -21.96
N SER B 87 5.53 4.19 -21.52
CA SER B 87 5.21 3.82 -20.14
C SER B 87 6.31 4.35 -19.21
N ALA B 88 5.91 4.75 -17.99
CA ALA B 88 6.81 5.30 -16.99
C ALA B 88 7.92 4.31 -16.60
N THR B 89 9.13 4.84 -16.38
CA THR B 89 10.30 4.08 -15.95
C THR B 89 10.68 4.54 -14.53
N TYR B 90 11.11 3.60 -13.68
CA TYR B 90 11.48 3.91 -12.29
C TYR B 90 12.87 3.37 -11.96
N LYS B 91 13.68 4.16 -11.24
CA LYS B 91 15.04 3.80 -10.79
C LYS B 91 15.02 2.52 -9.94
N ARG B 92 14.02 2.41 -9.05
CA ARG B 92 13.85 1.26 -8.14
C ARG B 92 12.54 0.55 -8.41
N SER B 93 12.53 -0.77 -8.15
CA SER B 93 11.34 -1.61 -8.23
C SER B 93 10.37 -1.25 -7.07
N PRO B 94 9.07 -1.67 -7.07
CA PRO B 94 8.20 -1.34 -5.93
C PRO B 94 8.78 -1.78 -4.56
N GLU B 95 9.34 -3.01 -4.49
CA GLU B 95 9.98 -3.58 -3.29
C GLU B 95 11.20 -2.74 -2.83
N GLU B 96 12.08 -2.37 -3.77
CA GLU B 96 13.26 -1.55 -3.50
C GLU B 96 12.89 -0.12 -3.06
N SER B 97 11.75 0.39 -3.56
CA SER B 97 11.22 1.72 -3.23
C SER B 97 10.73 1.76 -1.79
N LEU B 98 10.01 0.71 -1.35
CA LEU B 98 9.52 0.60 0.02
C LEU B 98 10.69 0.40 0.99
N GLN B 99 11.66 -0.45 0.61
CA GLN B 99 12.84 -0.73 1.42
C GLN B 99 13.68 0.53 1.63
N TYR B 100 13.74 1.39 0.60
CA TYR B 100 14.44 2.68 0.61
C TYR B 100 13.77 3.62 1.62
N LEU B 101 12.43 3.63 1.67
CA LEU B 101 11.67 4.47 2.62
C LEU B 101 11.82 3.92 4.03
N ILE B 102 11.79 2.59 4.20
CA ILE B 102 11.98 1.90 5.48
C ILE B 102 13.38 2.22 6.02
N ASP B 103 14.45 2.08 5.19
CA ASP B 103 15.83 2.37 5.58
C ASP B 103 15.99 3.82 6.05
N ILE B 105 13.29 5.92 7.32
CA ILE B 105 12.53 6.16 8.54
C ILE B 105 13.22 5.45 9.74
N ARG B 106 13.94 4.33 9.52
CA ARG B 106 14.70 3.64 10.56
C ARG B 106 15.76 4.58 11.19
N ASN B 107 16.35 5.47 10.35
CA ASN B 107 17.43 6.36 10.74
C ASN B 107 16.96 7.74 11.22
N ASN B 109 15.10 10.27 14.03
CA ASN B 109 14.92 10.30 15.48
C ASN B 109 13.58 11.00 15.84
N VAL B 110 12.65 10.98 14.88
CA VAL B 110 11.31 11.57 14.99
C VAL B 110 10.26 10.54 14.53
N PRO B 111 8.96 10.65 14.89
CA PRO B 111 7.96 9.72 14.33
C PRO B 111 7.91 9.86 12.81
N ALA B 112 7.92 8.71 12.14
CA ALA B 112 7.84 8.63 10.68
C ALA B 112 7.21 7.31 10.29
N PHE B 113 6.37 7.34 9.26
CA PHE B 113 5.66 6.16 8.79
C PHE B 113 5.38 6.30 7.30
N VAL B 114 4.97 5.18 6.68
CA VAL B 114 4.68 5.11 5.25
C VAL B 114 3.24 4.66 5.02
N THR B 115 2.54 5.31 4.08
CA THR B 115 1.19 4.96 3.63
C THR B 115 1.22 4.72 2.09
N ASP B 116 0.21 3.97 1.57
CA ASP B 116 0.10 3.67 0.15
C ASP B 116 -1.02 4.49 -0.53
N GLN B 117 -1.38 4.12 -1.77
CA GLN B 117 -2.41 4.78 -2.58
C GLN B 117 -3.83 4.75 -1.93
N TYR B 118 -4.08 3.80 -1.00
CA TYR B 118 -5.35 3.66 -0.27
C TYR B 118 -5.29 4.28 1.11
N VAL B 119 -4.10 4.86 1.46
CA VAL B 119 -3.76 5.48 2.75
C VAL B 119 -3.72 4.38 3.86
N ASN B 120 -3.28 3.17 3.48
CA ASN B 120 -3.04 2.06 4.41
C ASN B 120 -1.67 2.30 5.01
N ILE B 121 -1.47 1.98 6.29
CA ILE B 121 -0.15 2.18 6.90
C ILE B 121 0.66 0.94 6.59
N ILE B 122 1.75 1.13 5.83
CA ILE B 122 2.61 0.06 5.35
C ILE B 122 3.74 -0.25 6.33
N ALA B 123 4.30 0.79 6.94
CA ALA B 123 5.42 0.64 7.88
C ALA B 123 5.51 1.85 8.77
N ALA B 124 6.12 1.66 9.93
CA ALA B 124 6.30 2.73 10.88
C ALA B 124 7.51 2.45 11.71
N ASN B 125 8.28 3.49 12.06
CA ASN B 125 9.43 3.28 12.96
C ASN B 125 8.86 3.09 14.38
N ILE B 127 9.47 4.77 17.05
CA ILE B 127 9.17 6.07 17.67
C ILE B 127 7.67 6.40 17.47
N THR B 128 7.13 6.13 16.28
CA THR B 128 5.69 6.33 15.97
C THR B 128 4.85 5.41 16.86
N ILE B 129 5.29 4.13 16.95
CA ILE B 129 4.64 3.10 17.76
C ILE B 129 4.61 3.55 19.23
N ARG B 130 5.75 4.01 19.79
CA ARG B 130 5.81 4.50 21.17
C ARG B 130 5.02 5.80 21.39
N PHE B 131 5.02 6.73 20.41
CA PHE B 131 4.35 8.03 20.52
C PHE B 131 2.84 7.89 20.58
N PHE B 132 2.26 7.11 19.65
CA PHE B 132 0.81 6.92 19.59
C PHE B 132 0.31 5.89 20.60
N ASN B 133 1.23 5.04 21.05
CA ASN B 133 0.96 3.97 22.00
C ASN B 133 -0.31 3.19 21.57
N ILE B 134 -0.25 2.67 20.33
CA ILE B 134 -1.33 1.86 19.78
C ILE B 134 -1.23 0.50 20.48
N PRO B 135 -2.32 0.03 21.12
CA PRO B 135 -2.27 -1.30 21.76
C PRO B 135 -1.78 -2.35 20.76
N GLU B 137 -2.35 -5.41 20.59
CA GLU B 137 -3.44 -6.32 20.23
C GLU B 137 -4.17 -5.81 18.97
N LEU B 138 -4.31 -4.47 18.83
CA LEU B 138 -4.94 -3.81 17.68
C LEU B 138 -4.12 -4.02 16.39
N ILE B 139 -2.79 -4.10 16.51
CA ILE B 139 -1.87 -4.37 15.42
C ILE B 139 -2.02 -5.86 15.01
N GLU B 140 -2.11 -6.76 16.02
CA GLU B 140 -2.25 -8.21 15.88
C GLU B 140 -3.56 -8.62 15.18
N THR B 141 -4.65 -7.86 15.37
CA THR B 141 -5.96 -8.17 14.80
C THR B 141 -6.30 -7.30 13.55
N ALA B 142 -5.40 -6.39 13.14
CA ALA B 142 -5.56 -5.57 11.92
C ALA B 142 -5.59 -6.45 10.63
N PRO B 143 -4.85 -7.59 10.50
CA PRO B 143 -4.95 -8.40 9.27
C PRO B 143 -6.33 -9.02 9.01
N LEU B 144 -7.19 -9.15 10.05
CA LEU B 144 -8.50 -9.78 9.89
CA LEU B 144 -8.49 -9.79 9.84
C LEU B 144 -9.56 -8.82 9.33
N LEU B 145 -9.21 -7.52 9.12
CA LEU B 145 -10.14 -6.51 8.62
C LEU B 145 -9.64 -5.85 7.33
N PRO B 146 -10.55 -5.61 6.32
CA PRO B 146 -10.13 -4.94 5.07
C PRO B 146 -9.56 -3.52 5.28
N HIS B 147 -10.04 -2.85 6.32
CA HIS B 147 -9.64 -1.48 6.69
C HIS B 147 -8.73 -1.49 7.93
N GLY B 148 -8.26 -2.67 8.32
CA GLY B 148 -7.45 -2.92 9.52
C GLY B 148 -6.24 -2.04 9.74
N TYR B 149 -5.51 -1.71 8.66
CA TYR B 149 -4.30 -0.87 8.75
C TYR B 149 -4.49 0.53 8.19
N ASN B 150 -5.73 0.90 7.84
CA ASN B 150 -5.97 2.19 7.21
C ASN B 150 -5.78 3.32 8.19
N LEU B 151 -5.17 4.43 7.72
CA LEU B 151 -4.94 5.62 8.53
C LEU B 151 -6.27 6.19 9.04
N ARG B 153 -8.86 4.41 9.86
CA ARG B 153 -9.31 3.57 10.97
C ARG B 153 -8.70 4.10 12.27
N VAL B 154 -7.45 4.59 12.22
CA VAL B 154 -6.76 5.14 13.39
C VAL B 154 -7.44 6.46 13.80
N VAL B 155 -7.64 7.38 12.83
CA VAL B 155 -8.20 8.71 13.03
C VAL B 155 -9.70 8.66 13.42
N PHE B 156 -10.55 7.90 12.68
CA PHE B 156 -12.01 7.90 12.92
C PHE B 156 -12.61 6.63 13.53
N GLY B 157 -11.79 5.60 13.75
CA GLY B 157 -12.26 4.33 14.31
C GLY B 157 -12.66 4.41 15.77
N THR B 158 -13.30 3.35 16.27
CA THR B 158 -13.80 3.27 17.64
C THR B 158 -12.83 2.55 18.58
N GLU B 159 -11.91 1.74 18.03
CA GLU B 159 -10.95 0.91 18.77
C GLU B 159 -9.87 1.74 19.46
N TYR B 160 -9.40 2.82 18.82
CA TYR B 160 -8.37 3.71 19.34
C TYR B 160 -8.97 5.11 19.41
N ASP B 161 -8.83 5.79 20.54
CA ASP B 161 -9.42 7.13 20.71
C ASP B 161 -8.43 8.22 20.31
N PHE B 162 -8.30 8.48 19.00
CA PHE B 162 -7.41 9.52 18.47
C PHE B 162 -7.94 10.91 18.81
N ARG B 163 -9.29 11.08 18.81
CA ARG B 163 -9.97 12.34 19.16
CA ARG B 163 -9.97 12.33 19.17
C ARG B 163 -9.45 12.86 20.51
N ARG B 164 -9.31 11.95 21.49
CA ARG B 164 -8.85 12.26 22.85
C ARG B 164 -7.40 12.74 22.84
N VAL B 165 -6.60 12.13 21.95
CA VAL B 165 -5.17 12.43 21.81
C VAL B 165 -4.92 13.86 21.36
N VAL B 166 -5.71 14.33 20.36
CA VAL B 166 -5.45 15.64 19.74
C VAL B 166 -6.18 16.82 20.42
N GLY B 167 -6.82 16.56 21.55
CA GLY B 167 -7.49 17.58 22.35
C GLY B 167 -8.40 18.55 21.63
N THR B 168 -8.08 19.87 21.68
CA THR B 168 -8.90 20.94 21.06
C THR B 168 -8.80 20.96 19.54
N TRP B 170 -9.16 18.34 17.45
CA TRP B 170 -9.88 17.24 16.79
C TRP B 170 -10.63 17.65 15.49
N ASP B 171 -11.49 18.69 15.54
CA ASP B 171 -12.25 19.08 14.35
C ASP B 171 -11.32 19.43 13.17
N GLU B 172 -10.24 20.18 13.42
CA GLU B 172 -9.26 20.57 12.41
C GLU B 172 -8.55 19.36 11.84
N VAL B 173 -8.05 18.47 12.71
CA VAL B 173 -7.29 17.25 12.35
C VAL B 173 -8.18 16.30 11.54
N ALA B 174 -9.45 16.09 11.95
CA ALA B 174 -10.40 15.22 11.26
C ALA B 174 -10.78 15.80 9.89
N ARG B 175 -11.02 17.13 9.77
CA ARG B 175 -11.34 17.75 8.47
C ARG B 175 -10.15 17.62 7.53
N HIS B 176 -8.91 17.81 8.02
CA HIS B 176 -7.69 17.70 7.21
C HIS B 176 -7.51 16.29 6.70
N ASN B 177 -7.58 15.28 7.60
CA ASN B 177 -7.40 13.88 7.23
C ASN B 177 -8.47 13.39 6.24
N GLN B 179 -10.01 15.39 4.01
CA GLN B 179 -9.64 16.08 2.76
C GLN B 179 -8.53 15.34 2.03
N LEU B 180 -7.50 14.92 2.80
CA LEU B 180 -6.34 14.20 2.32
C LEU B 180 -6.77 12.88 1.70
N PHE B 181 -7.52 12.08 2.49
CA PHE B 181 -8.03 10.79 2.10
C PHE B 181 -8.86 10.86 0.82
N ARG B 182 -9.74 11.88 0.72
CA ARG B 182 -10.64 12.03 -0.42
C ARG B 182 -9.92 12.46 -1.68
N ALA B 183 -8.94 13.35 -1.57
CA ALA B 183 -8.13 13.79 -2.72
C ALA B 183 -7.14 12.71 -3.19
N ILE B 184 -6.47 12.00 -2.25
CA ILE B 184 -5.47 10.97 -2.58
C ILE B 184 -6.14 9.78 -3.27
N SER B 185 -7.28 9.35 -2.71
CA SER B 185 -8.00 8.16 -3.18
C SER B 185 -8.78 8.39 -4.47
N LEU B 186 -9.04 9.64 -4.86
CA LEU B 186 -9.84 9.97 -6.04
C LEU B 186 -9.52 9.07 -7.29
N ARG B 187 -8.25 8.88 -7.64
CA ARG B 187 -7.89 8.12 -8.84
C ARG B 187 -8.17 6.61 -8.75
N VAL B 188 -8.25 6.06 -7.53
CA VAL B 188 -8.47 4.63 -7.33
C VAL B 188 -9.90 4.34 -6.79
N ARG B 189 -10.85 5.28 -6.96
CA ARG B 189 -12.23 5.12 -6.45
C ARG B 189 -13.00 3.94 -7.08
N ALA B 190 -12.66 3.55 -8.33
CA ALA B 190 -13.32 2.44 -9.02
C ALA B 190 -12.70 1.07 -8.64
N ASP B 191 -11.56 1.04 -7.90
CA ASP B 191 -10.91 -0.20 -7.47
C ASP B 191 -11.81 -0.96 -6.50
N GLY B 192 -11.94 -2.27 -6.74
CA GLY B 192 -12.75 -3.15 -5.91
C GLY B 192 -12.34 -3.07 -4.45
N TYR B 193 -11.02 -3.02 -4.19
CA TYR B 193 -10.50 -2.90 -2.84
C TYR B 193 -10.94 -1.58 -2.19
N PHE B 194 -10.90 -0.46 -2.95
CA PHE B 194 -11.34 0.83 -2.40
C PHE B 194 -12.83 0.77 -2.01
N VAL B 195 -13.67 0.21 -2.88
CA VAL B 195 -15.12 0.07 -2.64
C VAL B 195 -15.34 -0.68 -1.30
N GLU B 196 -14.61 -1.79 -1.11
CA GLU B 196 -14.72 -2.59 0.13
C GLU B 196 -14.21 -1.78 1.34
N LEU B 197 -13.08 -1.05 1.16
CA LEU B 197 -12.46 -0.22 2.17
C LEU B 197 -13.44 0.87 2.63
N LEU B 198 -14.05 1.60 1.67
CA LEU B 198 -14.99 2.68 1.97
C LEU B 198 -16.21 2.16 2.74
N ASP B 199 -16.78 1.00 2.34
CA ASP B 199 -17.93 0.40 3.01
C ASP B 199 -17.65 0.12 4.49
N ASN B 200 -16.43 -0.34 4.81
CA ASN B 200 -16.04 -0.62 6.19
C ASN B 200 -15.80 0.66 6.96
N LEU B 201 -15.16 1.66 6.32
CA LEU B 201 -14.87 2.94 6.97
C LEU B 201 -16.17 3.69 7.27
N GLN B 203 -18.84 2.59 8.31
CA GLN B 203 -19.48 2.02 9.51
C GLN B 203 -19.08 2.80 10.77
N TYR B 204 -17.96 3.57 10.72
CA TYR B 204 -17.52 4.40 11.85
C TYR B 204 -18.26 5.72 11.79
N ARG B 205 -19.01 6.05 12.86
CA ARG B 205 -19.86 7.24 12.98
C ARG B 205 -19.12 8.54 12.64
N GLU B 206 -17.90 8.71 13.19
CA GLU B 206 -17.12 9.93 12.93
C GLU B 206 -16.62 10.00 11.50
N PHE B 207 -16.27 8.84 10.90
CA PHE B 207 -15.85 8.82 9.49
C PHE B 207 -17.01 9.30 8.60
N LYS B 208 -18.20 8.73 8.78
CA LYS B 208 -19.41 9.04 8.03
C LYS B 208 -19.77 10.53 8.15
N ARG B 209 -19.68 11.06 9.38
CA ARG B 209 -19.95 12.45 9.73
C ARG B 209 -19.06 13.41 8.95
N PHE B 210 -17.72 13.22 9.00
CA PHE B 210 -16.80 14.10 8.30
C PHE B 210 -16.82 13.85 6.78
N TRP B 211 -17.15 12.63 6.32
CA TRP B 211 -17.25 12.31 4.89
C TRP B 211 -18.39 13.10 4.25
N GLU B 212 -19.60 13.07 4.83
CA GLU B 212 -20.79 13.72 4.28
C GLU B 212 -20.72 15.26 4.31
N ARG B 213 -19.89 15.83 5.21
CA ARG B 213 -19.67 17.27 5.40
C ARG B 213 -18.52 17.82 4.56
N ALA B 214 -17.60 16.95 4.13
CA ALA B 214 -16.35 17.29 3.43
C ALA B 214 -16.51 18.27 2.27
N HIS B 215 -17.52 18.11 1.40
CA HIS B 215 -17.74 18.98 0.24
C HIS B 215 -18.14 20.43 0.60
N LEU B 216 -18.62 20.66 1.83
CA LEU B 216 -19.04 21.98 2.28
C LEU B 216 -17.84 22.90 2.64
N GLU B 217 -16.62 22.33 2.77
CA GLU B 217 -15.38 23.05 3.08
C GLU B 217 -14.97 23.92 1.90
N THR B 218 -14.75 25.22 2.16
CA THR B 218 -14.37 26.22 1.16
C THR B 218 -12.85 26.36 1.06
N GLU B 219 -12.10 25.84 2.05
CA GLU B 219 -10.64 25.89 2.07
C GLU B 219 -10.05 24.48 1.92
N ASP B 220 -9.01 24.34 1.07
CA ASP B 220 -8.34 23.07 0.80
C ASP B 220 -7.00 22.98 1.57
N THR B 221 -6.80 21.88 2.32
CA THR B 221 -5.58 21.60 3.10
C THR B 221 -4.94 20.29 2.64
N SER B 222 -5.63 19.55 1.72
CA SER B 222 -5.23 18.24 1.18
C SER B 222 -3.81 18.21 0.61
N ALA B 223 -3.34 19.31 -0.01
CA ALA B 223 -2.00 19.39 -0.62
C ALA B 223 -0.97 20.15 0.28
N GLU B 224 -1.28 20.32 1.57
CA GLU B 224 -0.43 21.07 2.49
C GLU B 224 -0.05 20.27 3.75
N ASN B 225 1.09 20.66 4.39
CA ASN B 225 1.56 20.12 5.68
C ASN B 225 0.66 20.60 6.78
N PHE B 226 0.49 19.81 7.83
CA PHE B 226 -0.37 20.21 8.92
C PHE B 226 0.49 20.52 10.17
N TRP B 227 0.28 21.70 10.75
CA TRP B 227 0.96 22.12 11.96
C TRP B 227 0.09 21.76 13.17
N TYR B 228 0.50 20.76 13.95
CA TYR B 228 -0.18 20.32 15.17
C TYR B 228 0.28 21.16 16.34
N GLN B 229 -0.68 21.74 17.06
CA GLN B 229 -0.46 22.53 18.28
C GLN B 229 -1.60 22.25 19.25
N TYR B 230 -1.34 21.40 20.25
CA TYR B 230 -2.39 20.97 21.18
C TYR B 230 -1.78 20.51 22.48
N THR B 231 -2.63 20.13 23.43
CA THR B 231 -2.23 19.54 24.70
C THR B 231 -2.50 18.04 24.58
N HIS B 232 -1.45 17.23 24.62
CA HIS B 232 -1.56 15.77 24.61
C HIS B 232 -1.93 15.35 26.03
N PRO B 233 -2.98 14.51 26.23
CA PRO B 233 -3.41 14.15 27.60
C PRO B 233 -2.33 13.48 28.45
N VAL B 234 -1.28 12.96 27.82
CA VAL B 234 -0.15 12.35 28.53
C VAL B 234 1.10 13.24 28.43
N TYR B 235 1.50 13.64 27.21
CA TYR B 235 2.78 14.34 26.98
C TYR B 235 2.76 15.83 27.20
N GLY B 236 1.57 16.41 27.38
CA GLY B 236 1.44 17.85 27.58
C GLY B 236 1.43 18.62 26.28
N LEU B 237 1.72 19.92 26.35
CA LEU B 237 1.75 20.84 25.21
C LEU B 237 2.81 20.45 24.17
N LEU B 238 2.35 20.16 22.96
CA LEU B 238 3.17 19.72 21.83
C LEU B 238 2.98 20.65 20.66
N SER B 239 4.00 20.73 19.81
CA SER B 239 3.99 21.54 18.59
C SER B 239 4.91 20.87 17.58
N TYR B 240 4.32 20.39 16.48
CA TYR B 240 5.06 19.70 15.43
C TYR B 240 4.34 19.81 14.09
N VAL B 241 5.09 19.65 13.00
CA VAL B 241 4.50 19.71 11.67
C VAL B 241 4.64 18.34 11.00
N SER B 242 3.53 17.87 10.37
CA SER B 242 3.51 16.60 9.64
CA SER B 242 3.49 16.60 9.63
C SER B 242 3.69 16.90 8.15
N SER B 243 4.75 16.34 7.56
CA SER B 243 5.07 16.52 6.15
C SER B 243 4.84 15.22 5.43
N ARG B 244 4.28 15.28 4.25
CA ARG B 244 4.02 14.10 3.46
C ARG B 244 4.79 14.25 2.16
N SER B 245 5.73 13.33 1.91
CA SER B 245 6.49 13.24 0.67
C SER B 245 5.92 12.09 -0.11
N GLN B 246 5.77 12.24 -1.42
CA GLN B 246 5.24 11.15 -2.23
C GLN B 246 6.28 10.63 -3.20
N ILE B 247 6.30 9.30 -3.42
CA ILE B 247 7.19 8.66 -4.39
C ILE B 247 6.36 7.75 -5.31
N PRO B 248 6.58 7.81 -6.63
CA PRO B 248 5.83 6.94 -7.55
C PRO B 248 6.49 5.56 -7.71
N THR B 249 5.65 4.53 -7.87
CA THR B 249 6.12 3.16 -8.11
C THR B 249 5.17 2.53 -9.16
N SER B 250 5.58 1.41 -9.79
CA SER B 250 4.76 0.69 -10.75
C SER B 250 3.55 0.01 -10.08
N GLY B 252 1.73 1.67 -7.61
CA GLY B 252 1.06 2.80 -6.94
C GLY B 252 1.99 3.62 -6.08
N LEU B 253 1.53 4.83 -5.71
CA LEU B 253 2.30 5.76 -4.89
C LEU B 253 2.61 5.21 -3.49
N LEU B 254 3.64 5.77 -2.88
CA LEU B 254 4.04 5.58 -1.50
C LEU B 254 4.22 6.97 -0.92
N SER B 255 3.73 7.20 0.30
CA SER B 255 3.87 8.47 1.00
C SER B 255 4.67 8.30 2.26
N HIS B 257 5.48 10.04 5.82
CA HIS B 257 5.00 11.01 6.78
C HIS B 257 6.04 11.16 7.88
N THR B 258 6.47 12.39 8.15
CA THR B 258 7.44 12.68 9.21
C THR B 258 6.84 13.74 10.13
N TYR B 259 7.18 13.72 11.45
CA TYR B 259 6.78 14.71 12.44
C TYR B 259 8.02 15.50 12.85
N ILE B 260 8.14 16.75 12.40
CA ILE B 260 9.28 17.60 12.78
C ILE B 260 8.87 18.39 14.03
N PRO B 261 9.61 18.28 15.16
CA PRO B 261 9.23 19.02 16.39
C PRO B 261 9.48 20.53 16.25
N LEU B 262 8.57 21.35 16.81
CA LEU B 262 8.62 22.81 16.71
C LEU B 262 8.57 23.51 18.08
N SER B 263 8.94 22.81 19.12
CA SER B 263 9.04 23.37 20.47
C SER B 263 10.04 22.55 21.27
N PRO B 264 10.77 23.17 22.23
CA PRO B 264 11.72 22.40 23.06
C PRO B 264 11.12 21.18 23.77
N ALA B 265 9.86 21.27 24.25
CA ALA B 265 9.20 20.12 24.91
C ALA B 265 8.92 18.97 23.91
N THR B 266 8.54 19.30 22.67
CA THR B 266 8.29 18.28 21.62
C THR B 266 9.62 17.66 21.19
N THR B 267 10.67 18.49 21.10
CA THR B 267 12.03 18.02 20.77
C THR B 267 12.49 17.03 21.84
N ASP B 268 12.32 17.38 23.13
CA ASP B 268 12.70 16.54 24.27
C ASP B 268 11.90 15.26 24.30
N LEU B 269 10.60 15.32 24.00
CA LEU B 269 9.76 14.13 23.96
C LEU B 269 10.27 13.17 22.87
N PHE B 270 10.49 13.67 21.63
CA PHE B 270 10.94 12.80 20.52
C PHE B 270 12.33 12.22 20.84
N ALA B 271 13.23 13.02 21.44
CA ALA B 271 14.56 12.55 21.86
C ALA B 271 14.43 11.44 22.92
N LYS B 272 13.47 11.61 23.86
CA LYS B 272 13.16 10.64 24.92
C LYS B 272 12.66 9.32 24.32
N LEU B 273 11.77 9.40 23.33
CA LEU B 273 11.21 8.22 22.66
C LEU B 273 12.22 7.53 21.78
N SER B 274 13.22 8.27 21.27
CA SER B 274 14.25 7.62 20.45
C SER B 274 15.26 6.87 21.38
N THR B 275 15.33 7.25 22.68
CA THR B 275 16.21 6.62 23.66
C THR B 275 15.64 5.25 24.08
N VAL B 276 14.30 5.14 24.25
CA VAL B 276 13.63 3.92 24.68
C VAL B 276 13.27 3.00 23.47
N ALA B 277 12.86 3.57 22.32
CA ALA B 277 12.50 2.76 21.16
C ALA B 277 13.73 2.32 20.40
N ASN B 278 13.69 1.13 19.80
CA ASN B 278 14.78 0.65 18.96
C ASN B 278 14.83 1.45 17.66
N GLN B 279 16.02 1.50 17.04
CA GLN B 279 16.27 2.13 15.74
C GLN B 279 15.84 1.05 14.74
N ASP B 280 14.51 0.88 14.64
CA ASP B 280 13.86 -0.19 13.92
C ASP B 280 12.48 0.22 13.36
N VAL B 281 11.90 -0.63 12.52
CA VAL B 281 10.67 -0.38 11.79
C VAL B 281 9.78 -1.60 11.81
N ILE B 282 8.48 -1.39 12.09
CA ILE B 282 7.51 -2.47 12.06
C ILE B 282 6.80 -2.43 10.71
N ARG B 283 6.73 -3.60 10.03
CA ARG B 283 6.01 -3.73 8.77
C ARG B 283 4.53 -4.00 9.12
N LEU B 284 3.60 -3.32 8.45
CA LEU B 284 2.18 -3.39 8.80
C LEU B 284 1.34 -3.89 7.62
N ALA B 285 0.59 -3.04 6.89
CA ALA B 285 -0.22 -3.50 5.75
C ALA B 285 0.64 -4.09 4.66
N PRO B 286 0.18 -5.21 4.02
CA PRO B 286 0.94 -5.77 2.91
C PRO B 286 0.96 -4.81 1.73
N TRP B 287 2.09 -4.79 1.05
CA TRP B 287 2.30 -3.94 -0.09
C TRP B 287 3.42 -4.53 -0.92
N PRO B 288 3.28 -4.58 -2.25
CA PRO B 288 2.15 -4.12 -3.07
C PRO B 288 0.91 -5.02 -2.92
N ARG B 289 -0.29 -4.48 -3.19
CA ARG B 289 -1.55 -5.20 -3.10
C ARG B 289 -1.75 -6.10 -4.33
N GLY C 1 -1.86 -51.95 13.38
CA GLY C 1 -1.50 -52.57 14.65
C GLY C 1 -0.80 -51.62 15.61
N GLU C 3 0.80 -51.52 20.02
CA GLU C 3 1.08 -52.21 21.28
C GLU C 3 -0.07 -51.86 22.27
N ARG C 4 -0.33 -52.74 23.25
CA ARG C 4 -1.43 -52.59 24.20
C ARG C 4 -1.44 -51.23 24.92
N ALA C 5 -0.25 -50.74 25.34
CA ALA C 5 -0.14 -49.47 26.05
C ALA C 5 -0.50 -48.30 25.15
N ALA C 6 -0.05 -48.31 23.86
CA ALA C 6 -0.36 -47.27 22.87
C ALA C 6 -1.85 -47.29 22.53
N PHE C 7 -2.46 -48.48 22.42
CA PHE C 7 -3.89 -48.61 22.17
C PHE C 7 -4.69 -48.07 23.37
N GLY C 8 -4.19 -48.33 24.59
CA GLY C 8 -4.76 -47.81 25.82
C GLY C 8 -4.81 -46.30 25.81
N LYS C 9 -3.70 -45.66 25.40
CA LYS C 9 -3.56 -44.20 25.30
C LYS C 9 -4.50 -43.65 24.23
N LEU C 10 -4.78 -44.42 23.20
CA LEU C 10 -5.71 -44.02 22.13
C LEU C 10 -7.14 -43.97 22.67
N VAL C 11 -7.56 -45.02 23.40
CA VAL C 11 -8.90 -45.11 24.00
C VAL C 11 -9.12 -43.92 24.96
N GLN C 12 -8.11 -43.62 25.79
CA GLN C 12 -8.12 -42.48 26.72
C GLN C 12 -8.33 -41.17 25.97
N ALA C 13 -7.55 -40.94 24.90
CA ALA C 13 -7.65 -39.72 24.09
C ALA C 13 -9.01 -39.59 23.44
N LEU C 14 -9.57 -40.69 22.90
CA LEU C 14 -10.88 -40.70 22.27
C LEU C 14 -11.97 -40.38 23.28
N ARG C 15 -11.90 -40.96 24.49
CA ARG C 15 -12.82 -40.70 25.59
C ARG C 15 -12.80 -39.20 25.96
N ARG C 16 -11.59 -38.62 26.06
CA ARG C 16 -11.37 -37.23 26.45
C ARG C 16 -11.80 -36.22 25.37
N GLU C 17 -12.14 -36.66 24.17
CA GLU C 17 -12.66 -35.77 23.12
C GLU C 17 -14.14 -35.51 23.36
N HIS C 18 -14.76 -36.24 24.29
CA HIS C 18 -16.17 -36.09 24.56
C HIS C 18 -16.47 -35.24 25.78
N ARG C 19 -17.63 -34.59 25.76
CA ARG C 19 -18.17 -33.76 26.85
C ARG C 19 -19.61 -34.04 27.08
N ASP C 20 -20.05 -33.93 28.33
CA ASP C 20 -21.45 -34.13 28.66
C ASP C 20 -22.21 -32.79 28.59
N GLU C 21 -23.54 -32.82 28.83
CA GLU C 21 -24.44 -31.64 28.81
C GLU C 21 -23.89 -30.46 29.64
N LYS C 22 -23.20 -30.75 30.78
CA LYS C 22 -22.61 -29.77 31.71
C LYS C 22 -21.18 -29.39 31.31
N GLY C 23 -20.75 -29.83 30.12
CA GLY C 23 -19.43 -29.57 29.56
C GLY C 23 -18.31 -30.33 30.22
N ARG C 24 -18.62 -31.42 30.93
CA ARG C 24 -17.58 -32.19 31.62
C ARG C 24 -17.05 -33.28 30.72
N VAL C 25 -15.71 -33.40 30.69
CA VAL C 25 -14.98 -34.38 29.92
C VAL C 25 -15.40 -35.75 30.44
N TRP C 26 -15.64 -36.72 29.52
CA TRP C 26 -15.99 -38.08 29.91
C TRP C 26 -14.90 -38.71 30.75
N THR C 27 -15.32 -39.28 31.86
CA THR C 27 -14.45 -40.01 32.77
C THR C 27 -14.49 -41.48 32.39
N GLN C 28 -13.66 -42.29 33.05
CA GLN C 28 -13.64 -43.74 32.85
C GLN C 28 -15.00 -44.32 33.25
N GLU C 29 -15.63 -43.76 34.33
CA GLU C 29 -16.97 -44.13 34.84
C GLU C 29 -18.05 -43.92 33.76
N VAL C 30 -18.00 -42.77 33.06
CA VAL C 30 -18.94 -42.43 31.97
C VAL C 30 -18.73 -43.38 30.81
N LEU C 31 -17.48 -43.64 30.39
CA LEU C 31 -17.22 -44.60 29.31
C LEU C 31 -17.69 -46.03 29.73
N ALA C 32 -17.45 -46.42 30.99
CA ALA C 32 -17.89 -47.72 31.53
C ALA C 32 -19.42 -47.85 31.42
N GLU C 33 -20.16 -46.78 31.81
CA GLU C 33 -21.61 -46.70 31.73
C GLU C 33 -22.09 -46.82 30.27
N ARG C 34 -21.50 -46.03 29.33
CA ARG C 34 -21.86 -46.03 27.90
CA ARG C 34 -21.85 -46.04 27.90
C ARG C 34 -21.56 -47.39 27.24
N THR C 35 -20.51 -48.11 27.70
CA THR C 35 -20.14 -49.40 27.10
C THR C 35 -20.82 -50.58 27.82
N GLN C 36 -21.38 -50.35 29.03
CA GLN C 36 -21.99 -51.34 29.95
C GLN C 36 -20.91 -52.34 30.38
N LEU C 37 -19.68 -51.83 30.53
CA LEU C 37 -18.50 -52.58 30.96
C LEU C 37 -18.10 -52.11 32.37
N PRO C 38 -17.45 -52.97 33.20
CA PRO C 38 -17.01 -52.47 34.52
C PRO C 38 -15.92 -51.40 34.37
N LYS C 39 -15.87 -50.43 35.30
CA LYS C 39 -14.85 -49.38 35.29
C LYS C 39 -13.43 -49.98 35.26
N ARG C 40 -13.21 -51.10 36.01
CA ARG C 40 -11.93 -51.83 36.08
C ARG C 40 -11.46 -52.28 34.68
N THR C 41 -12.40 -52.70 33.83
CA THR C 41 -12.12 -53.15 32.47
C THR C 41 -11.64 -51.96 31.62
N ILE C 42 -12.31 -50.79 31.75
CA ILE C 42 -11.94 -49.55 31.04
C ILE C 42 -10.55 -49.11 31.51
N GLU C 43 -10.31 -49.22 32.82
CA GLU C 43 -9.04 -48.90 33.48
C GLU C 43 -7.91 -49.78 32.90
N ARG C 44 -8.12 -51.10 32.76
CA ARG C 44 -7.13 -52.05 32.23
C ARG C 44 -6.87 -51.84 30.74
N ILE C 45 -7.91 -51.50 29.97
CA ILE C 45 -7.78 -51.20 28.55
C ILE C 45 -6.91 -49.95 28.42
N GLU C 46 -7.21 -48.90 29.20
CA GLU C 46 -6.49 -47.63 29.12
C GLU C 46 -5.02 -47.75 29.60
N ASN C 47 -4.72 -48.68 30.56
CA ASN C 47 -3.36 -48.95 31.10
C ASN C 47 -2.58 -49.93 30.24
N GLY C 48 -3.25 -50.59 29.30
CA GLY C 48 -2.64 -51.58 28.43
C GLY C 48 -2.32 -52.88 29.15
N SER C 49 -3.11 -53.21 30.20
CA SER C 49 -2.89 -54.41 31.02
C SER C 49 -3.87 -55.56 30.66
N LEU C 50 -4.49 -55.50 29.49
CA LEU C 50 -5.31 -56.60 28.98
C LEU C 50 -4.63 -57.19 27.76
N ALA C 51 -4.21 -58.43 27.88
CA ALA C 51 -3.50 -59.14 26.80
C ALA C 51 -4.40 -59.36 25.58
N HIS C 52 -5.65 -59.82 25.77
CA HIS C 52 -6.56 -60.04 24.66
C HIS C 52 -7.74 -59.06 24.71
N LEU C 53 -8.00 -58.43 23.56
CA LEU C 53 -9.09 -57.47 23.38
C LEU C 53 -10.17 -58.11 22.53
N ASP C 54 -11.19 -58.61 23.24
CA ASP C 54 -12.42 -59.25 22.79
C ASP C 54 -13.11 -58.41 21.69
N ALA C 55 -13.58 -59.06 20.61
CA ALA C 55 -14.29 -58.38 19.51
C ALA C 55 -15.51 -57.62 20.04
N ASP C 56 -16.18 -58.19 21.06
CA ASP C 56 -17.35 -57.61 21.72
C ASP C 56 -16.98 -56.29 22.42
N ILE C 57 -15.84 -56.27 23.19
CA ILE C 57 -15.30 -55.09 23.86
C ILE C 57 -15.05 -53.98 22.83
N LEU C 58 -14.33 -54.32 21.72
CA LEU C 58 -13.96 -53.38 20.66
C LEU C 58 -15.19 -52.74 20.02
N LEU C 59 -16.22 -53.54 19.73
CA LEU C 59 -17.47 -53.08 19.14
C LEU C 59 -18.20 -52.16 20.11
N ARG C 60 -18.24 -52.51 21.41
CA ARG C 60 -18.86 -51.67 22.44
C ARG C 60 -18.16 -50.31 22.54
N LEU C 61 -16.80 -50.31 22.50
CA LEU C 61 -15.98 -49.09 22.56
C LEU C 61 -16.23 -48.21 21.36
N ALA C 62 -16.21 -48.79 20.13
CA ALA C 62 -16.43 -48.04 18.89
C ALA C 62 -17.84 -47.43 18.85
N ASP C 63 -18.84 -48.18 19.35
CA ASP C 63 -20.24 -47.71 19.42
C ASP C 63 -20.38 -46.55 20.42
N ALA C 64 -19.85 -46.72 21.65
CA ALA C 64 -19.96 -45.69 22.71
C ALA C 64 -19.19 -44.40 22.37
N LEU C 65 -18.01 -44.55 21.72
CA LEU C 65 -17.18 -43.40 21.37
C LEU C 65 -17.68 -42.68 20.11
N GLU C 66 -18.77 -43.18 19.47
CA GLU C 66 -19.43 -42.58 18.30
C GLU C 66 -18.42 -42.30 17.17
N LEU C 67 -17.64 -43.32 16.84
CA LEU C 67 -16.65 -43.27 15.79
C LEU C 67 -17.32 -43.25 14.44
N THR C 68 -16.70 -42.55 13.48
CA THR C 68 -17.15 -42.55 12.08
C THR C 68 -16.80 -43.93 11.49
N ILE C 69 -17.36 -44.27 10.32
CA ILE C 69 -17.06 -45.54 9.64
C ILE C 69 -15.55 -45.66 9.41
N GLY C 70 -14.93 -44.58 8.91
CA GLY C 70 -13.50 -44.52 8.67
C GLY C 70 -12.69 -44.70 9.94
N GLU C 71 -13.16 -44.11 11.06
CA GLU C 71 -12.51 -44.25 12.35
C GLU C 71 -12.62 -45.66 12.90
N ARG C 72 -13.79 -46.33 12.74
CA ARG C 72 -14.02 -47.72 13.19
C ARG C 72 -12.99 -48.67 12.56
N ARG C 73 -12.79 -48.53 11.23
CA ARG C 73 -11.82 -49.36 10.49
C ARG C 73 -10.38 -49.17 11.05
N GLU C 74 -9.98 -47.92 11.27
CA GLU C 74 -8.65 -47.61 11.81
C GLU C 74 -8.50 -48.06 13.25
N PHE C 75 -9.57 -47.92 14.05
CA PHE C 75 -9.62 -48.28 15.47
C PHE C 75 -9.53 -49.79 15.66
N PHE C 76 -10.28 -50.57 14.86
CA PHE C 76 -10.25 -52.03 14.97
C PHE C 76 -8.89 -52.57 14.52
N PHE C 77 -8.29 -51.97 13.48
CA PHE C 77 -6.97 -52.38 12.98
C PHE C 77 -5.89 -52.05 14.00
N ALA C 78 -5.99 -50.89 14.69
CA ALA C 78 -5.03 -50.51 15.75
C ALA C 78 -5.09 -51.52 16.90
N ALA C 79 -6.26 -52.11 17.14
CA ALA C 79 -6.43 -53.10 18.20
C ALA C 79 -6.01 -54.52 17.77
N THR C 80 -6.38 -54.97 16.55
CA THR C 80 -6.14 -56.37 16.15
C THR C 80 -5.00 -56.61 15.16
N GLY C 81 -4.53 -55.55 14.50
CA GLY C 81 -3.45 -55.64 13.52
C GLY C 81 -2.21 -56.36 14.03
N ILE C 82 -1.68 -57.31 13.23
CA ILE C 82 -0.46 -58.04 13.57
C ILE C 82 0.73 -57.11 13.33
N ILE C 83 1.58 -57.00 14.35
CA ILE C 83 2.84 -56.24 14.31
C ILE C 83 3.92 -57.24 13.87
N GLU C 84 4.76 -56.83 12.92
CA GLU C 84 5.84 -57.66 12.41
C GLU C 84 6.98 -57.74 13.45
N GLN C 85 7.73 -58.86 13.45
CA GLN C 85 8.87 -59.08 14.32
C GLN C 85 9.98 -58.11 13.91
N LYS C 86 10.21 -57.96 12.60
CA LYS C 86 11.19 -57.05 12.01
C LYS C 86 10.61 -55.64 11.90
N SER C 87 11.42 -54.62 12.24
CA SER C 87 10.99 -53.22 12.12
C SER C 87 10.90 -52.85 10.63
N ALA C 88 9.97 -51.95 10.29
CA ALA C 88 9.73 -51.54 8.90
C ALA C 88 10.97 -50.92 8.26
N THR C 89 11.19 -51.25 6.98
CA THR C 89 12.29 -50.75 6.17
C THR C 89 11.73 -49.84 5.07
N TYR C 90 12.43 -48.74 4.77
CA TYR C 90 12.00 -47.79 3.74
C TYR C 90 13.14 -47.52 2.75
N LYS C 91 12.82 -47.47 1.44
CA LYS C 91 13.79 -47.19 0.37
C LYS C 91 14.46 -45.82 0.59
N ARG C 92 13.65 -44.82 0.97
CA ARG C 92 14.10 -43.46 1.20
C ARG C 92 13.90 -43.03 2.66
N SER C 93 14.77 -42.12 3.13
CA SER C 93 14.68 -41.52 4.45
C SER C 93 13.44 -40.55 4.48
N PRO C 94 12.95 -40.08 5.67
CA PRO C 94 11.82 -39.14 5.65
C PRO C 94 12.07 -37.90 4.77
N GLU C 95 13.27 -37.29 4.85
CA GLU C 95 13.70 -36.12 4.05
C GLU C 95 13.68 -36.44 2.54
N GLU C 96 14.27 -37.58 2.14
CA GLU C 96 14.32 -38.02 0.73
C GLU C 96 12.92 -38.33 0.19
N SER C 97 12.00 -38.80 1.06
CA SER C 97 10.62 -39.13 0.71
C SER C 97 9.83 -37.87 0.38
N LEU C 98 10.00 -36.81 1.20
CA LEU C 98 9.35 -35.53 0.98
C LEU C 98 9.90 -34.86 -0.27
N GLN C 99 11.23 -34.89 -0.45
CA GLN C 99 11.91 -34.31 -1.59
C GLN C 99 11.46 -34.97 -2.89
N TYR C 100 11.22 -36.28 -2.86
CA TYR C 100 10.73 -37.09 -3.97
C TYR C 100 9.31 -36.64 -4.37
N LEU C 101 8.44 -36.36 -3.39
CA LEU C 101 7.08 -35.86 -3.64
C LEU C 101 7.13 -34.44 -4.18
N ILE C 102 8.01 -33.59 -3.63
CA ILE C 102 8.22 -32.21 -4.07
C ILE C 102 8.71 -32.20 -5.53
N ASP C 103 9.74 -33.02 -5.87
CA ASP C 103 10.29 -33.12 -7.24
C ASP C 103 9.22 -33.54 -8.24
N ILE C 105 5.65 -33.08 -7.76
CA ILE C 105 4.64 -32.02 -7.79
CA ILE C 105 4.61 -32.06 -7.85
C ILE C 105 5.14 -30.83 -8.64
N ARG C 106 6.45 -30.56 -8.58
CA ARG C 106 7.10 -29.49 -9.33
C ARG C 106 6.93 -29.69 -10.86
N ASN C 107 6.88 -30.96 -11.31
CA ASN C 107 6.74 -31.32 -12.73
C ASN C 107 5.27 -31.48 -13.18
N ASN C 109 1.26 -30.17 -13.86
CA ASN C 109 0.58 -29.02 -14.48
C ASN C 109 -0.84 -28.83 -13.92
N VAL C 110 -1.10 -29.47 -12.78
CA VAL C 110 -2.38 -29.41 -12.07
C VAL C 110 -2.14 -28.94 -10.64
N PRO C 111 -3.17 -28.44 -9.89
CA PRO C 111 -2.95 -28.20 -8.46
C PRO C 111 -2.57 -29.51 -7.74
N ALA C 112 -1.52 -29.46 -6.93
CA ALA C 112 -1.01 -30.59 -6.17
C ALA C 112 -0.32 -30.09 -4.93
N PHE C 113 -0.50 -30.82 -3.83
CA PHE C 113 0.08 -30.47 -2.55
C PHE C 113 0.29 -31.73 -1.71
N VAL C 114 1.07 -31.61 -0.63
CA VAL C 114 1.43 -32.71 0.28
C VAL C 114 0.93 -32.40 1.69
N THR C 115 0.37 -33.41 2.37
CA THR C 115 -0.07 -33.34 3.77
C THR C 115 0.61 -34.48 4.60
N ASP C 116 0.70 -34.32 5.92
CA ASP C 116 1.30 -35.32 6.81
C ASP C 116 0.22 -36.08 7.63
N GLN C 117 0.66 -36.77 8.70
CA GLN C 117 -0.19 -37.58 9.59
C GLN C 117 -1.25 -36.76 10.37
N TYR C 118 -1.07 -35.44 10.49
CA TYR C 118 -2.00 -34.54 11.18
C TYR C 118 -2.79 -33.72 10.18
N VAL C 119 -2.57 -33.98 8.86
CA VAL C 119 -3.21 -33.34 7.70
C VAL C 119 -2.76 -31.85 7.64
N ASN C 120 -1.50 -31.62 8.06
CA ASN C 120 -0.84 -30.33 7.93
C ASN C 120 -0.31 -30.25 6.52
N ILE C 121 -0.42 -29.06 5.88
CA ILE C 121 0.06 -28.91 4.50
C ILE C 121 1.55 -28.67 4.58
N ILE C 122 2.32 -29.60 4.03
CA ILE C 122 3.78 -29.59 4.07
C ILE C 122 4.38 -28.82 2.88
N ALA C 123 3.77 -28.99 1.70
CA ALA C 123 4.25 -28.34 0.47
C ALA C 123 3.15 -28.25 -0.52
N ALA C 124 3.25 -27.28 -1.43
CA ALA C 124 2.24 -27.07 -2.47
C ALA C 124 2.90 -26.44 -3.65
N ASN C 125 2.46 -26.77 -4.86
CA ASN C 125 3.00 -26.06 -6.02
C ASN C 125 2.29 -24.68 -6.09
N ILE C 127 0.61 -23.53 -8.53
CA ILE C 127 -0.68 -23.70 -9.24
C ILE C 127 -1.80 -23.78 -8.19
N THR C 128 -1.58 -24.51 -7.07
CA THR C 128 -2.52 -24.62 -5.95
C THR C 128 -2.78 -23.24 -5.32
N ILE C 129 -1.73 -22.48 -4.97
CA ILE C 129 -1.82 -21.16 -4.33
C ILE C 129 -2.62 -20.21 -5.22
N ARG C 130 -2.32 -20.20 -6.52
CA ARG C 130 -2.98 -19.37 -7.53
CA ARG C 130 -2.99 -19.32 -7.47
C ARG C 130 -4.43 -19.78 -7.72
N PHE C 131 -4.66 -21.11 -7.91
CA PHE C 131 -6.02 -21.60 -8.11
C PHE C 131 -6.95 -21.19 -6.95
N PHE C 132 -6.52 -21.39 -5.71
CA PHE C 132 -7.32 -21.08 -4.53
C PHE C 132 -7.22 -19.61 -4.14
N ASN C 133 -6.28 -18.87 -4.77
CA ASN C 133 -6.01 -17.46 -4.48
C ASN C 133 -5.83 -17.29 -2.94
N ILE C 134 -4.91 -18.05 -2.36
CA ILE C 134 -4.67 -17.98 -0.94
C ILE C 134 -3.77 -16.77 -0.70
N PRO C 135 -4.18 -15.81 0.18
CA PRO C 135 -3.35 -14.62 0.42
C PRO C 135 -1.99 -14.99 1.01
N GLU C 137 -0.05 -13.33 2.86
CA GLU C 137 0.09 -12.88 4.24
CA GLU C 137 0.08 -12.88 4.25
C GLU C 137 -0.34 -14.00 5.22
N LEU C 138 -1.37 -14.81 4.84
CA LEU C 138 -1.86 -15.94 5.65
C LEU C 138 -0.77 -17.03 5.75
N ILE C 139 -0.01 -17.20 4.66
CA ILE C 139 1.09 -18.16 4.63
C ILE C 139 2.22 -17.67 5.56
N GLU C 140 2.51 -16.36 5.52
CA GLU C 140 3.56 -15.71 6.33
CA GLU C 140 3.59 -15.76 6.33
C GLU C 140 3.28 -15.74 7.83
N THR C 141 1.98 -15.74 8.23
CA THR C 141 1.59 -15.75 9.66
C THR C 141 1.12 -17.15 10.16
N ALA C 142 1.12 -18.17 9.27
CA ALA C 142 0.77 -19.56 9.62
C ALA C 142 1.79 -20.16 10.65
N PRO C 143 3.13 -19.82 10.66
CA PRO C 143 4.02 -20.39 11.69
C PRO C 143 3.69 -19.99 13.14
N LEU C 144 2.94 -18.90 13.32
CA LEU C 144 2.60 -18.38 14.65
C LEU C 144 1.45 -19.15 15.34
N LEU C 145 0.79 -20.08 14.60
CA LEU C 145 -0.36 -20.84 15.10
C LEU C 145 -0.13 -22.35 15.05
N PRO C 146 -0.53 -23.11 16.09
CA PRO C 146 -0.35 -24.58 16.07
C PRO C 146 -1.07 -25.28 14.90
N HIS C 147 -2.19 -24.71 14.46
CA HIS C 147 -3.06 -25.21 13.38
C HIS C 147 -2.90 -24.37 12.09
N GLY C 148 -1.89 -23.50 12.08
CA GLY C 148 -1.59 -22.55 11.02
C GLY C 148 -1.58 -23.07 9.59
N TYR C 149 -1.04 -24.28 9.39
CA TYR C 149 -0.92 -24.90 8.06
C TYR C 149 -1.86 -26.07 7.86
N ASN C 150 -2.81 -26.28 8.77
CA ASN C 150 -3.68 -27.46 8.68
C ASN C 150 -4.69 -27.30 7.57
N LEU C 151 -4.97 -28.40 6.84
CA LEU C 151 -5.96 -28.41 5.76
CA LEU C 151 -5.98 -28.43 5.76
C LEU C 151 -7.35 -28.02 6.28
N ARG C 153 -7.89 -25.87 8.65
CA ARG C 153 -7.89 -24.41 8.85
C ARG C 153 -8.33 -23.74 7.53
N VAL C 154 -7.89 -24.29 6.39
CA VAL C 154 -8.24 -23.79 5.06
C VAL C 154 -9.76 -23.99 4.80
N VAL C 155 -10.25 -25.22 5.00
CA VAL C 155 -11.64 -25.63 4.74
C VAL C 155 -12.62 -25.01 5.73
N PHE C 156 -12.32 -25.00 7.04
CA PHE C 156 -13.26 -24.52 8.04
C PHE C 156 -12.94 -23.17 8.69
N GLY C 157 -11.71 -22.67 8.52
CA GLY C 157 -11.30 -21.43 9.15
C GLY C 157 -12.02 -20.17 8.69
N THR C 158 -11.91 -19.11 9.50
CA THR C 158 -12.55 -17.82 9.29
C THR C 158 -11.69 -16.82 8.48
N GLU C 159 -10.37 -17.07 8.40
CA GLU C 159 -9.39 -16.20 7.69
C GLU C 159 -9.53 -16.30 6.17
N TYR C 160 -9.81 -17.48 5.65
CA TYR C 160 -9.99 -17.77 4.23
C TYR C 160 -11.42 -18.28 4.04
N ASP C 161 -12.18 -17.72 3.11
CA ASP C 161 -13.57 -18.12 2.93
C ASP C 161 -13.70 -19.21 1.88
N PHE C 162 -13.45 -20.49 2.29
CA PHE C 162 -13.54 -21.63 1.37
C PHE C 162 -15.00 -21.93 1.02
N ARG C 163 -15.94 -21.71 1.97
CA ARG C 163 -17.37 -21.91 1.71
C ARG C 163 -17.83 -21.06 0.46
N ARG C 164 -17.31 -19.83 0.32
CA ARG C 164 -17.61 -18.92 -0.80
C ARG C 164 -17.16 -19.52 -2.15
N VAL C 165 -16.03 -20.23 -2.19
CA VAL C 165 -15.49 -20.82 -3.40
C VAL C 165 -16.41 -21.95 -3.93
N VAL C 166 -16.80 -22.89 -3.06
CA VAL C 166 -17.55 -24.09 -3.45
C VAL C 166 -19.07 -23.91 -3.44
N GLY C 167 -19.57 -22.78 -2.92
CA GLY C 167 -20.99 -22.44 -2.90
C GLY C 167 -21.93 -23.47 -2.29
N THR C 168 -22.96 -23.90 -3.06
CA THR C 168 -23.99 -24.87 -2.61
C THR C 168 -23.42 -26.30 -2.44
N TRP C 170 -20.84 -26.82 -0.47
CA TRP C 170 -20.21 -26.70 0.85
C TRP C 170 -20.45 -27.92 1.73
N ASP C 171 -21.72 -28.27 2.03
CA ASP C 171 -22.07 -29.38 2.93
C ASP C 171 -21.33 -30.65 2.52
N GLU C 172 -21.35 -31.01 1.23
CA GLU C 172 -20.70 -32.19 0.69
C GLU C 172 -19.19 -32.17 0.90
N VAL C 173 -18.54 -31.05 0.51
CA VAL C 173 -17.09 -30.87 0.59
C VAL C 173 -16.63 -30.89 2.08
N ALA C 174 -17.35 -30.17 2.96
CA ALA C 174 -17.04 -30.10 4.38
C ALA C 174 -17.23 -31.47 5.05
N ARG C 175 -18.30 -32.26 4.69
CA ARG C 175 -18.51 -33.62 5.22
C ARG C 175 -17.37 -34.52 4.83
N HIS C 176 -16.96 -34.45 3.56
CA HIS C 176 -15.89 -35.28 3.03
C HIS C 176 -14.58 -34.98 3.72
N ASN C 177 -14.20 -33.70 3.81
CA ASN C 177 -12.93 -33.28 4.45
C ASN C 177 -12.91 -33.64 5.95
N GLN C 179 -14.56 -36.28 7.25
CA GLN C 179 -14.41 -37.74 7.23
C GLN C 179 -12.97 -38.16 7.03
N LEU C 180 -12.28 -37.49 6.09
CA LEU C 180 -10.88 -37.69 5.75
C LEU C 180 -10.01 -37.43 6.96
N PHE C 181 -10.17 -36.22 7.54
CA PHE C 181 -9.44 -35.76 8.71
C PHE C 181 -9.58 -36.72 9.87
N ARG C 182 -10.81 -37.14 10.17
CA ARG C 182 -11.09 -38.02 11.30
C ARG C 182 -10.55 -39.46 11.10
N ALA C 183 -10.57 -39.99 9.87
CA ALA C 183 -10.05 -41.33 9.61
C ALA C 183 -8.52 -41.32 9.57
N ILE C 184 -7.90 -40.30 8.94
CA ILE C 184 -6.43 -40.20 8.83
C ILE C 184 -5.78 -40.03 10.21
N SER C 185 -6.34 -39.10 11.00
CA SER C 185 -5.82 -38.73 12.31
C SER C 185 -6.05 -39.77 13.39
N LEU C 186 -6.97 -40.74 13.18
CA LEU C 186 -7.33 -41.74 14.19
C LEU C 186 -6.12 -42.35 14.95
N ARG C 187 -5.05 -42.74 14.26
CA ARG C 187 -3.91 -43.39 14.92
C ARG C 187 -3.08 -42.46 15.78
N VAL C 188 -3.13 -41.16 15.52
CA VAL C 188 -2.31 -40.19 16.26
C VAL C 188 -3.18 -39.33 17.21
N ARG C 189 -4.37 -39.82 17.58
CA ARG C 189 -5.28 -39.02 18.40
C ARG C 189 -4.77 -38.77 19.81
N ALA C 190 -3.89 -39.65 20.36
CA ALA C 190 -3.29 -39.50 21.71
C ALA C 190 -2.05 -38.58 21.70
N ASP C 191 -1.54 -38.19 20.50
CA ASP C 191 -0.36 -37.30 20.40
C ASP C 191 -0.69 -35.93 20.97
N GLY C 192 0.21 -35.42 21.81
CA GLY C 192 0.08 -34.10 22.42
C GLY C 192 -0.16 -33.02 21.39
N TYR C 193 0.57 -33.09 20.26
CA TYR C 193 0.39 -32.12 19.18
C TYR C 193 -1.03 -32.20 18.60
N PHE C 194 -1.58 -33.43 18.40
CA PHE C 194 -2.92 -33.57 17.88
C PHE C 194 -3.95 -32.93 18.84
N VAL C 195 -3.80 -33.19 20.15
CA VAL C 195 -4.69 -32.64 21.17
C VAL C 195 -4.71 -31.11 21.06
N GLU C 196 -3.53 -30.48 20.93
CA GLU C 196 -3.41 -29.03 20.77
C GLU C 196 -4.05 -28.56 19.45
N LEU C 197 -3.78 -29.31 18.35
CA LEU C 197 -4.32 -29.04 17.03
C LEU C 197 -5.87 -29.06 17.04
N LEU C 198 -6.47 -30.13 17.63
CA LEU C 198 -7.91 -30.28 17.72
C LEU C 198 -8.56 -29.12 18.51
N ASP C 199 -7.94 -28.71 19.64
CA ASP C 199 -8.47 -27.62 20.45
C ASP C 199 -8.54 -26.31 19.67
N ASN C 200 -7.54 -26.06 18.82
CA ASN C 200 -7.53 -24.83 18.02
C ASN C 200 -8.56 -24.90 16.88
N LEU C 201 -8.71 -26.07 16.26
CA LEU C 201 -9.70 -26.25 15.18
C LEU C 201 -11.15 -26.12 15.69
N GLN C 203 -12.23 -24.16 17.79
CA GLN C 203 -12.55 -22.71 17.96
C GLN C 203 -13.24 -22.16 16.71
N TYR C 204 -13.11 -22.88 15.56
CA TYR C 204 -13.81 -22.50 14.32
C TYR C 204 -15.20 -23.12 14.39
N ARG C 205 -16.24 -22.28 14.40
CA ARG C 205 -17.65 -22.66 14.54
C ARG C 205 -18.06 -23.75 13.54
N GLU C 206 -17.67 -23.62 12.25
CA GLU C 206 -18.05 -24.61 11.24
C GLU C 206 -17.29 -25.91 11.40
N PHE C 207 -16.02 -25.87 11.89
CA PHE C 207 -15.29 -27.11 12.20
C PHE C 207 -16.04 -27.90 13.29
N LYS C 208 -16.38 -27.23 14.40
CA LYS C 208 -17.09 -27.82 15.55
C LYS C 208 -18.40 -28.48 15.11
N ARG C 209 -19.16 -27.75 14.26
CA ARG C 209 -20.46 -28.17 13.74
C ARG C 209 -20.36 -29.47 12.98
N PHE C 210 -19.41 -29.58 12.05
CA PHE C 210 -19.24 -30.75 11.21
C PHE C 210 -18.59 -31.90 11.98
N TRP C 211 -17.71 -31.57 12.96
CA TRP C 211 -17.09 -32.57 13.80
C TRP C 211 -18.16 -33.33 14.61
N GLU C 212 -19.07 -32.61 15.28
CA GLU C 212 -20.11 -33.21 16.13
C GLU C 212 -21.18 -33.98 15.32
N ARG C 213 -21.29 -33.71 14.02
CA ARG C 213 -22.24 -34.35 13.09
C ARG C 213 -21.67 -35.57 12.39
N ALA C 214 -20.34 -35.65 12.29
CA ALA C 214 -19.60 -36.63 11.51
C ALA C 214 -20.04 -38.10 11.73
N HIS C 215 -20.26 -38.52 12.99
CA HIS C 215 -20.67 -39.90 13.30
C HIS C 215 -22.08 -40.30 12.78
N LEU C 216 -22.93 -39.31 12.47
CA LEU C 216 -24.29 -39.57 11.98
C LEU C 216 -24.33 -40.04 10.52
N GLU C 217 -23.23 -39.86 9.78
CA GLU C 217 -23.08 -40.27 8.39
C GLU C 217 -23.03 -41.80 8.27
N THR C 218 -23.91 -42.37 7.42
CA THR C 218 -24.01 -43.80 7.15
C THR C 218 -23.17 -44.20 5.92
N GLU C 219 -22.69 -43.21 5.14
CA GLU C 219 -21.85 -43.44 3.97
C GLU C 219 -20.43 -42.94 4.23
N ASP C 220 -19.42 -43.75 3.85
CA ASP C 220 -18.01 -43.40 4.03
C ASP C 220 -17.39 -42.94 2.70
N THR C 221 -16.76 -41.76 2.71
CA THR C 221 -16.07 -41.17 1.55
C THR C 221 -14.57 -40.97 1.84
N SER C 222 -14.15 -41.21 3.12
CA SER C 222 -12.77 -41.03 3.63
C SER C 222 -11.71 -41.75 2.83
N ALA C 223 -12.00 -42.93 2.27
CA ALA C 223 -11.02 -43.72 1.50
C ALA C 223 -11.22 -43.58 -0.04
N GLU C 224 -12.00 -42.57 -0.47
CA GLU C 224 -12.33 -42.37 -1.87
C GLU C 224 -11.99 -40.97 -2.38
N ASN C 225 -11.78 -40.85 -3.70
CA ASN C 225 -11.54 -39.59 -4.40
C ASN C 225 -12.83 -38.77 -4.40
N PHE C 226 -12.72 -37.46 -4.42
CA PHE C 226 -13.89 -36.61 -4.44
C PHE C 226 -14.01 -35.92 -5.79
N TRP C 227 -15.20 -36.04 -6.41
CA TRP C 227 -15.49 -35.38 -7.68
C TRP C 227 -16.17 -34.03 -7.41
N TYR C 228 -15.43 -32.93 -7.63
CA TYR C 228 -15.92 -31.55 -7.47
C TYR C 228 -16.63 -31.12 -8.74
N GLN C 229 -17.86 -30.65 -8.61
CA GLN C 229 -18.68 -30.10 -9.69
C GLN C 229 -19.48 -28.95 -9.13
N TYR C 230 -19.02 -27.72 -9.39
CA TYR C 230 -19.57 -26.48 -8.87
C TYR C 230 -19.25 -25.29 -9.77
N THR C 231 -19.99 -24.19 -9.57
CA THR C 231 -19.78 -22.92 -10.26
C THR C 231 -18.87 -22.11 -9.37
N HIS C 232 -17.61 -21.95 -9.77
CA HIS C 232 -16.64 -21.17 -9.04
C HIS C 232 -17.01 -19.67 -9.17
N PRO C 233 -16.99 -18.84 -8.09
CA PRO C 233 -17.43 -17.42 -8.24
C PRO C 233 -16.57 -16.58 -9.20
N VAL C 234 -15.35 -17.03 -9.57
CA VAL C 234 -14.46 -16.31 -10.50
C VAL C 234 -14.22 -17.15 -11.79
N TYR C 235 -14.06 -18.48 -11.68
CA TYR C 235 -13.70 -19.31 -12.84
C TYR C 235 -14.92 -19.90 -13.57
N GLY C 236 -16.10 -19.76 -12.99
CA GLY C 236 -17.33 -20.33 -13.53
C GLY C 236 -17.41 -21.83 -13.27
N LEU C 237 -18.11 -22.56 -14.14
CA LEU C 237 -18.33 -24.00 -14.04
C LEU C 237 -17.01 -24.81 -14.14
N LEU C 238 -16.71 -25.54 -13.07
CA LEU C 238 -15.55 -26.39 -12.94
C LEU C 238 -15.96 -27.81 -12.63
N SER C 239 -15.13 -28.76 -13.05
CA SER C 239 -15.33 -30.18 -12.81
C SER C 239 -13.96 -30.84 -12.73
N TYR C 240 -13.63 -31.37 -11.57
CA TYR C 240 -12.33 -32.02 -11.34
C TYR C 240 -12.43 -33.04 -10.20
N VAL C 241 -11.51 -34.01 -10.20
CA VAL C 241 -11.46 -35.03 -9.16
C VAL C 241 -10.16 -34.86 -8.34
N SER C 242 -10.26 -34.89 -7.02
CA SER C 242 -9.12 -34.85 -6.13
C SER C 242 -8.74 -36.26 -5.72
N SER C 243 -7.47 -36.63 -5.92
CA SER C 243 -6.91 -37.93 -5.55
C SER C 243 -5.89 -37.78 -4.47
N ARG C 244 -5.88 -38.71 -3.52
CA ARG C 244 -4.91 -38.74 -2.44
C ARG C 244 -4.13 -40.05 -2.49
N SER C 245 -2.81 -39.96 -2.66
CA SER C 245 -1.88 -41.10 -2.63
C SER C 245 -1.14 -41.05 -1.32
N GLN C 246 -0.93 -42.19 -0.66
CA GLN C 246 -0.21 -42.19 0.61
C GLN C 246 1.13 -42.92 0.48
N ILE C 247 2.17 -42.42 1.20
CA ILE C 247 3.50 -43.03 1.24
C ILE C 247 3.94 -43.13 2.70
N PRO C 248 4.46 -44.30 3.12
CA PRO C 248 4.93 -44.42 4.51
C PRO C 248 6.38 -43.95 4.69
N THR C 249 6.68 -43.38 5.88
CA THR C 249 8.03 -42.95 6.28
C THR C 249 8.22 -43.28 7.76
N SER C 250 9.48 -43.25 8.25
CA SER C 250 9.82 -43.50 9.67
C SER C 250 9.36 -42.33 10.58
N GLY C 252 6.23 -40.85 10.06
CA GLY C 252 4.81 -40.79 9.75
C GLY C 252 4.50 -40.74 8.27
N LEU C 253 3.25 -40.98 7.92
CA LEU C 253 2.77 -40.98 6.53
C LEU C 253 2.89 -39.57 5.89
N LEU C 254 2.91 -39.58 4.55
CA LEU C 254 2.86 -38.42 3.69
C LEU C 254 1.78 -38.71 2.66
N SER C 255 0.94 -37.72 2.37
CA SER C 255 -0.13 -37.85 1.37
C SER C 255 0.09 -36.87 0.24
N HIS C 257 -1.84 -34.94 -2.78
CA HIS C 257 -3.16 -34.56 -3.27
C HIS C 257 -3.01 -33.93 -4.64
N THR C 258 -3.73 -34.45 -5.65
CA THR C 258 -3.69 -33.94 -7.03
C THR C 258 -5.11 -33.66 -7.49
N TYR C 259 -5.26 -32.73 -8.42
CA TYR C 259 -6.57 -32.40 -8.96
CA TYR C 259 -6.55 -32.32 -8.99
C TYR C 259 -6.55 -32.62 -10.46
N ILE C 260 -7.30 -33.64 -10.91
CA ILE C 260 -7.35 -33.98 -12.33
C ILE C 260 -8.59 -33.28 -12.96
N PRO C 261 -8.41 -32.46 -14.03
CA PRO C 261 -9.57 -31.76 -14.64
C PRO C 261 -10.49 -32.72 -15.43
N LEU C 262 -11.81 -32.48 -15.37
CA LEU C 262 -12.82 -33.34 -16.00
C LEU C 262 -13.80 -32.57 -16.90
N SER C 263 -13.39 -31.41 -17.37
CA SER C 263 -14.16 -30.65 -18.34
C SER C 263 -13.19 -29.81 -19.14
N PRO C 264 -13.48 -29.50 -20.42
CA PRO C 264 -12.56 -28.66 -21.22
C PRO C 264 -12.23 -27.30 -20.58
N ALA C 265 -13.20 -26.65 -19.90
CA ALA C 265 -12.99 -25.35 -19.23
C ALA C 265 -12.03 -25.49 -18.03
N THR C 266 -12.13 -26.59 -17.27
CA THR C 266 -11.25 -26.87 -16.12
C THR C 266 -9.83 -27.20 -16.64
N THR C 267 -9.76 -27.96 -17.75
CA THR C 267 -8.50 -28.29 -18.41
C THR C 267 -7.80 -26.99 -18.85
N ASP C 268 -8.54 -26.09 -19.49
CA ASP C 268 -8.02 -24.82 -19.99
C ASP C 268 -7.56 -23.93 -18.83
N LEU C 269 -8.34 -23.89 -17.74
CA LEU C 269 -7.96 -23.12 -16.57
C LEU C 269 -6.63 -23.63 -15.99
N PHE C 270 -6.49 -24.95 -15.75
CA PHE C 270 -5.27 -25.51 -15.17
C PHE C 270 -4.10 -25.30 -16.10
N ALA C 271 -4.29 -25.45 -17.44
CA ALA C 271 -3.25 -25.21 -18.44
C ALA C 271 -2.76 -23.77 -18.40
N LYS C 272 -3.67 -22.81 -18.26
CA LYS C 272 -3.36 -21.37 -18.16
C LYS C 272 -2.56 -21.10 -16.88
N LEU C 273 -2.98 -21.70 -15.73
CA LEU C 273 -2.33 -21.50 -14.43
C LEU C 273 -0.95 -22.13 -14.43
N SER C 274 -0.78 -23.22 -15.18
CA SER C 274 0.44 -23.98 -15.27
C SER C 274 1.53 -23.29 -16.11
N THR C 275 2.32 -22.44 -15.46
CA THR C 275 3.49 -21.78 -16.05
C THR C 275 4.72 -22.33 -15.31
N VAL C 276 5.95 -22.13 -15.84
CA VAL C 276 7.17 -22.58 -15.14
C VAL C 276 7.24 -21.93 -13.72
N ALA C 277 6.88 -20.63 -13.62
CA ALA C 277 6.81 -19.86 -12.36
C ALA C 277 5.83 -20.49 -11.38
N ASN C 278 4.64 -20.95 -11.87
CA ASN C 278 3.62 -21.54 -11.02
C ASN C 278 3.92 -23.03 -10.68
N GLN C 279 4.89 -23.63 -11.37
CA GLN C 279 5.30 -25.02 -11.10
C GLN C 279 6.26 -25.09 -9.90
N ASP C 280 6.73 -23.92 -9.42
CA ASP C 280 7.57 -23.81 -8.22
C ASP C 280 6.79 -24.33 -7.00
N VAL C 281 7.49 -25.01 -6.10
CA VAL C 281 6.85 -25.57 -4.93
C VAL C 281 7.20 -24.75 -3.69
N ILE C 282 6.18 -24.38 -2.91
CA ILE C 282 6.42 -23.64 -1.68
C ILE C 282 6.42 -24.66 -0.53
N ARG C 283 7.41 -24.56 0.36
CA ARG C 283 7.49 -25.39 1.56
C ARG C 283 6.67 -24.70 2.64
N LEU C 284 5.83 -25.44 3.37
CA LEU C 284 4.91 -24.84 4.31
C LEU C 284 5.12 -25.37 5.75
N ALA C 285 4.29 -26.29 6.28
CA ALA C 285 4.51 -26.82 7.64
C ALA C 285 5.83 -27.57 7.73
N PRO C 286 6.60 -27.38 8.84
CA PRO C 286 7.87 -28.11 8.98
C PRO C 286 7.61 -29.60 9.08
N TRP C 287 8.49 -30.37 8.46
CA TRP C 287 8.39 -31.82 8.42
C TRP C 287 9.75 -32.43 8.11
N PRO C 288 10.18 -33.46 8.87
CA PRO C 288 9.50 -34.09 10.04
C PRO C 288 9.43 -33.18 11.27
N ARG C 289 8.47 -33.44 12.15
CA ARG C 289 8.28 -32.62 13.35
C ARG C 289 8.49 -33.46 14.62
#